data_4DZS
#
_entry.id   4DZS
#
_cell.length_a   65.420
_cell.length_b   135.750
_cell.length_c   148.411
_cell.angle_alpha   90.00
_cell.angle_beta   90.00
_cell.angle_gamma   90.00
#
_symmetry.space_group_name_H-M   'P 21 21 21'
#
loop_
_entity.id
_entity.type
_entity.pdbx_description
1 polymer 'Pumilio homology domain family member 4'
2 polymer "5'-R(*UP*GP*UP*AP*UP*CP*AP*UP*A)-3'"
#
loop_
_entity_poly.entity_id
_entity_poly.type
_entity_poly.pdbx_seq_one_letter_code
_entity_poly.pdbx_strand_id
1 'polypeptide(L)'
;GSFTSNATNSNSAEKQRKIEESSRFADAVLDQYIGSIHSLCKDQHGCRFLQKQLDILGSKAADAIFEETKDYTVELMTDS
FGNYLIQKLLEEVTTEQRIVLTKISSPHFVEISLNPHGTRALQKLIECIKTDEEAQIVVDSLRPYTVQLSKDLNGNHVIQ
KCLQRLKPENFQFIFDAISDSCIDIATHRHGCCVLQRCLDHGTTEQCDNLCDKLLALVDKLTLDPFGNYVVQYIITKEAE
KNKYDYTHKIVHLLKPRAIELSIHKFGSNVIEKILKTAIVSEPMILEILNNGGETGIQSLLNDSYGNYVLQTALDISHKQ
NDYLYKRLSEIVAPLLVGPIRNTPHGKRIIGMLHLDS
;
A,B
2 'polyribonucleotide' UGUAUCAUA C,D
#
loop_
_chem_comp.id
_chem_comp.type
_chem_comp.name
_chem_comp.formula
A RNA linking ADENOSINE-5'-MONOPHOSPHATE 'C10 H14 N5 O7 P'
C RNA linking CYTIDINE-5'-MONOPHOSPHATE 'C9 H14 N3 O8 P'
G RNA linking GUANOSINE-5'-MONOPHOSPHATE 'C10 H14 N5 O8 P'
U RNA linking URIDINE-5'-MONOPHOSPHATE 'C9 H13 N2 O9 P'
#
# COMPACT_ATOMS: atom_id res chain seq x y z
N VAL A 29 -25.74 -31.59 21.25
CA VAL A 29 -26.97 -31.28 20.54
C VAL A 29 -27.75 -30.16 21.24
N LEU A 30 -27.27 -29.75 22.41
CA LEU A 30 -27.92 -28.68 23.16
C LEU A 30 -26.94 -27.58 23.56
N ASP A 31 -27.41 -26.33 23.51
CA ASP A 31 -26.58 -25.18 23.85
C ASP A 31 -27.32 -24.20 24.77
N GLN A 32 -26.69 -23.86 25.89
CA GLN A 32 -27.25 -22.89 26.82
C GLN A 32 -26.95 -21.47 26.37
N TYR A 33 -25.94 -21.34 25.52
CA TYR A 33 -25.48 -20.02 25.08
C TYR A 33 -26.19 -19.51 23.82
N ILE A 34 -26.88 -20.39 23.12
CA ILE A 34 -27.61 -20.00 21.91
C ILE A 34 -28.42 -18.73 22.15
N GLY A 35 -28.38 -17.82 21.19
CA GLY A 35 -29.07 -16.55 21.32
C GLY A 35 -28.26 -15.54 22.10
N SER A 36 -27.08 -15.97 22.54
CA SER A 36 -26.17 -15.12 23.29
C SER A 36 -24.71 -15.43 22.95
N ILE A 37 -24.46 -15.77 21.69
CA ILE A 37 -23.11 -16.06 21.22
C ILE A 37 -22.31 -14.77 21.09
N HIS A 38 -22.93 -13.75 20.52
CA HIS A 38 -22.24 -12.49 20.28
C HIS A 38 -21.74 -11.84 21.57
N SER A 39 -22.53 -11.96 22.63
CA SER A 39 -22.17 -11.37 23.92
C SER A 39 -21.05 -12.16 24.60
N LEU A 40 -20.74 -13.33 24.06
CA LEU A 40 -19.66 -14.16 24.59
C LEU A 40 -18.32 -13.86 23.93
N CYS A 41 -18.35 -12.95 22.95
CA CYS A 41 -17.14 -12.56 22.24
C CYS A 41 -16.62 -11.21 22.74
N LYS A 42 -17.47 -10.51 23.48
CA LYS A 42 -17.11 -9.20 24.01
C LYS A 42 -16.08 -9.35 25.12
N ASP A 43 -16.16 -10.47 25.84
CA ASP A 43 -15.17 -10.78 26.87
C ASP A 43 -14.33 -11.96 26.44
N GLN A 44 -13.22 -12.16 27.13
CA GLN A 44 -12.29 -13.22 26.75
C GLN A 44 -12.77 -14.60 27.15
N HIS A 45 -13.24 -14.71 28.39
CA HIS A 45 -13.67 -16.00 28.94
C HIS A 45 -14.66 -16.69 28.02
N GLY A 46 -15.42 -15.90 27.27
CA GLY A 46 -16.42 -16.44 26.36
C GLY A 46 -15.84 -16.89 25.04
N CYS A 47 -14.79 -16.21 24.58
CA CYS A 47 -14.11 -16.58 23.34
C CYS A 47 -13.42 -17.93 23.48
N ARG A 48 -12.76 -18.13 24.61
CA ARG A 48 -12.16 -19.43 24.92
C ARG A 48 -13.27 -20.46 25.10
N PHE A 49 -14.38 -20.02 25.68
CA PHE A 49 -15.53 -20.89 25.90
C PHE A 49 -16.01 -21.50 24.59
N LEU A 50 -16.37 -20.64 23.65
CA LEU A 50 -16.87 -21.08 22.35
C LEU A 50 -15.81 -21.90 21.59
N GLN A 51 -14.56 -21.44 21.63
CA GLN A 51 -13.48 -22.20 21.02
C GLN A 51 -13.44 -23.60 21.62
N LYS A 52 -13.56 -23.67 22.94
CA LYS A 52 -13.61 -24.95 23.64
C LYS A 52 -14.83 -25.74 23.16
N GLN A 53 -15.97 -25.07 23.10
CA GLN A 53 -17.20 -25.69 22.61
C GLN A 53 -17.27 -25.62 21.09
N LEU A 54 -16.19 -26.02 20.43
CA LEU A 54 -16.13 -26.00 18.97
C LEU A 54 -15.19 -27.11 18.54
N ASP A 55 -14.13 -27.30 19.33
CA ASP A 55 -13.22 -28.43 19.13
C ASP A 55 -13.97 -29.73 19.39
N ILE A 56 -14.16 -30.03 20.67
CA ILE A 56 -14.92 -31.20 21.11
C ILE A 56 -16.41 -30.87 21.16
N LEU A 57 -17.01 -30.67 19.99
CA LEU A 57 -18.44 -30.37 19.90
C LEU A 57 -19.02 -30.63 18.51
N GLY A 58 -18.15 -30.71 17.50
CA GLY A 58 -18.59 -31.03 16.16
C GLY A 58 -18.93 -29.82 15.31
N SER A 59 -19.64 -30.06 14.21
CA SER A 59 -20.02 -28.98 13.30
C SER A 59 -21.39 -28.42 13.67
N LYS A 60 -22.15 -29.15 14.46
CA LYS A 60 -23.46 -28.70 14.91
C LYS A 60 -23.34 -27.31 15.54
N ALA A 61 -22.29 -27.09 16.30
CA ALA A 61 -22.05 -25.80 16.93
C ALA A 61 -21.15 -24.92 16.07
N ALA A 62 -20.82 -25.40 14.88
CA ALA A 62 -20.07 -24.60 13.92
C ALA A 62 -21.05 -23.79 13.07
N ASP A 63 -22.19 -24.40 12.76
CA ASP A 63 -23.27 -23.70 12.07
C ASP A 63 -23.95 -22.74 13.02
N ALA A 64 -23.97 -23.12 14.30
CA ALA A 64 -24.58 -22.30 15.34
C ALA A 64 -23.81 -20.99 15.51
N ILE A 65 -22.54 -21.09 15.90
CA ILE A 65 -21.70 -19.92 16.12
C ILE A 65 -21.54 -19.08 14.87
N PHE A 66 -21.37 -19.75 13.72
CA PHE A 66 -21.21 -19.02 12.46
C PHE A 66 -22.41 -18.14 12.12
N GLU A 67 -23.60 -18.73 12.18
CA GLU A 67 -24.82 -18.02 11.78
C GLU A 67 -25.10 -16.80 12.64
N GLU A 68 -24.68 -16.83 13.90
CA GLU A 68 -24.93 -15.72 14.82
C GLU A 68 -23.74 -14.78 14.96
N THR A 69 -22.76 -14.92 14.07
CA THR A 69 -21.58 -14.05 14.10
C THR A 69 -21.27 -13.49 12.71
N LYS A 70 -21.77 -14.15 11.68
CA LYS A 70 -21.49 -13.76 10.31
C LYS A 70 -21.75 -12.28 10.06
N ASP A 71 -22.78 -11.75 10.71
CA ASP A 71 -23.12 -10.34 10.55
C ASP A 71 -22.16 -9.44 11.35
N TYR A 72 -21.18 -10.07 12.00
CA TYR A 72 -20.22 -9.32 12.82
C TYR A 72 -18.77 -9.75 12.58
N THR A 73 -18.55 -10.57 11.56
CA THR A 73 -17.21 -11.10 11.30
C THR A 73 -16.14 -10.01 11.37
N VAL A 74 -16.20 -9.06 10.43
CA VAL A 74 -15.23 -7.97 10.40
C VAL A 74 -15.01 -7.36 11.78
N GLU A 75 -16.09 -7.20 12.54
CA GLU A 75 -15.99 -6.65 13.89
C GLU A 75 -15.29 -7.62 14.83
N LEU A 76 -15.56 -8.91 14.67
CA LEU A 76 -15.00 -9.93 15.55
C LEU A 76 -13.53 -10.22 15.23
N MET A 77 -13.17 -10.14 13.95
CA MET A 77 -11.79 -10.40 13.54
C MET A 77 -10.81 -9.38 14.12
N THR A 78 -11.29 -8.17 14.35
CA THR A 78 -10.43 -7.09 14.83
C THR A 78 -10.57 -6.86 16.34
N ASP A 79 -11.27 -7.76 17.01
CA ASP A 79 -11.44 -7.68 18.46
C ASP A 79 -10.27 -8.32 19.18
N SER A 80 -10.02 -7.88 20.42
CA SER A 80 -8.91 -8.37 21.23
C SER A 80 -8.93 -9.90 21.33
N PHE A 81 -10.12 -10.47 21.38
CA PHE A 81 -10.29 -11.90 21.56
C PHE A 81 -11.14 -12.50 20.44
N GLY A 82 -12.01 -11.67 19.87
CA GLY A 82 -12.85 -12.10 18.77
C GLY A 82 -12.08 -12.79 17.66
N ASN A 83 -10.89 -12.28 17.35
CA ASN A 83 -10.07 -12.84 16.30
C ASN A 83 -9.75 -14.31 16.54
N TYR A 84 -9.41 -14.64 17.78
CA TYR A 84 -9.11 -16.01 18.17
C TYR A 84 -10.27 -16.95 17.86
N LEU A 85 -11.49 -16.50 18.18
CA LEU A 85 -12.68 -17.30 17.94
C LEU A 85 -12.96 -17.45 16.45
N ILE A 86 -12.77 -16.38 15.70
CA ILE A 86 -12.98 -16.42 14.26
C ILE A 86 -12.03 -17.43 13.61
N GLN A 87 -10.78 -17.44 14.04
CA GLN A 87 -9.79 -18.36 13.51
C GLN A 87 -10.24 -19.78 13.76
N LYS A 88 -10.62 -20.04 15.00
CA LYS A 88 -11.14 -21.33 15.42
C LYS A 88 -12.30 -21.78 14.56
N LEU A 89 -13.21 -20.84 14.28
CA LEU A 89 -14.40 -21.14 13.51
C LEU A 89 -14.01 -21.50 12.09
N LEU A 90 -13.06 -20.77 11.52
CA LEU A 90 -12.62 -20.99 10.13
C LEU A 90 -12.23 -22.44 9.87
N GLU A 91 -11.80 -23.15 10.91
CA GLU A 91 -11.38 -24.53 10.77
C GLU A 91 -12.57 -25.46 10.62
N GLU A 92 -13.34 -25.60 11.69
CA GLU A 92 -14.50 -26.48 11.72
C GLU A 92 -15.56 -26.12 10.66
N VAL A 93 -15.66 -24.83 10.34
CA VAL A 93 -16.59 -24.36 9.33
C VAL A 93 -16.43 -25.12 8.01
N THR A 94 -17.54 -25.43 7.36
CA THR A 94 -17.51 -26.13 6.08
C THR A 94 -17.13 -25.16 4.96
N THR A 95 -16.68 -25.70 3.84
CA THR A 95 -16.27 -24.88 2.69
C THR A 95 -17.24 -23.73 2.41
N GLU A 96 -18.49 -24.07 2.12
CA GLU A 96 -19.50 -23.07 1.78
C GLU A 96 -19.57 -21.95 2.81
N GLN A 97 -19.47 -22.32 4.08
CA GLN A 97 -19.49 -21.32 5.14
C GLN A 97 -18.31 -20.36 5.04
N ARG A 98 -17.14 -20.89 4.70
CA ARG A 98 -15.98 -20.05 4.47
C ARG A 98 -16.20 -19.13 3.27
N ILE A 99 -16.38 -19.73 2.09
CA ILE A 99 -16.60 -18.97 0.87
C ILE A 99 -17.56 -17.81 1.13
N VAL A 100 -18.62 -18.07 1.88
CA VAL A 100 -19.53 -17.02 2.30
C VAL A 100 -18.78 -16.02 3.17
N LEU A 101 -18.23 -16.51 4.27
CA LEU A 101 -17.58 -15.66 5.26
C LEU A 101 -16.41 -14.88 4.67
N THR A 102 -15.85 -15.37 3.57
CA THR A 102 -14.78 -14.66 2.87
C THR A 102 -15.36 -13.48 2.09
N LYS A 103 -16.43 -13.74 1.35
CA LYS A 103 -17.11 -12.70 0.59
C LYS A 103 -17.61 -11.58 1.50
N ILE A 104 -17.65 -11.86 2.80
CA ILE A 104 -18.06 -10.87 3.77
C ILE A 104 -16.87 -10.01 4.18
N SER A 105 -15.73 -10.66 4.42
CA SER A 105 -14.52 -9.95 4.80
C SER A 105 -13.86 -9.29 3.60
N SER A 106 -14.04 -9.88 2.42
CA SER A 106 -13.42 -9.42 1.18
C SER A 106 -13.27 -7.90 1.04
N PRO A 107 -14.36 -7.14 1.29
CA PRO A 107 -14.26 -5.69 1.16
C PRO A 107 -13.78 -5.01 2.44
N HIS A 108 -13.16 -5.78 3.33
CA HIS A 108 -12.67 -5.23 4.60
C HIS A 108 -11.25 -5.70 4.89
N PHE A 109 -10.70 -6.49 3.96
CA PHE A 109 -9.38 -7.06 4.14
C PHE A 109 -8.38 -6.01 4.59
N VAL A 110 -8.38 -4.87 3.91
CA VAL A 110 -7.39 -3.85 4.16
C VAL A 110 -7.41 -3.35 5.61
N GLU A 111 -8.59 -3.03 6.14
CA GLU A 111 -8.68 -2.58 7.52
C GLU A 111 -8.46 -3.74 8.49
N ILE A 112 -8.60 -4.96 8.00
CA ILE A 112 -8.35 -6.15 8.80
C ILE A 112 -6.86 -6.48 8.81
N SER A 113 -6.22 -6.30 7.65
CA SER A 113 -4.79 -6.51 7.54
C SER A 113 -4.05 -5.54 8.46
N LEU A 114 -4.37 -4.26 8.32
CA LEU A 114 -3.71 -3.19 9.07
C LEU A 114 -3.99 -3.29 10.57
N ASN A 115 -4.77 -4.29 10.95
CA ASN A 115 -5.13 -4.51 12.36
C ASN A 115 -4.29 -5.63 12.99
N PRO A 116 -3.75 -5.37 14.18
CA PRO A 116 -2.93 -6.34 14.92
C PRO A 116 -3.69 -7.64 15.22
N HIS A 117 -4.99 -7.52 15.44
CA HIS A 117 -5.82 -8.69 15.73
C HIS A 117 -6.38 -9.28 14.45
N GLY A 118 -6.77 -8.40 13.54
CA GLY A 118 -7.33 -8.82 12.27
C GLY A 118 -6.33 -9.57 11.41
N THR A 119 -5.08 -9.10 11.44
CA THR A 119 -4.01 -9.71 10.66
C THR A 119 -3.90 -11.21 10.99
N ARG A 120 -4.26 -11.56 12.21
CA ARG A 120 -4.20 -12.95 12.66
C ARG A 120 -5.25 -13.82 12.00
N ALA A 121 -6.52 -13.43 12.13
CA ALA A 121 -7.62 -14.19 11.56
C ALA A 121 -7.54 -14.21 10.04
N LEU A 122 -7.16 -13.09 9.44
CA LEU A 122 -7.05 -13.03 7.98
C LEU A 122 -6.02 -14.04 7.47
N GLN A 123 -4.92 -14.19 8.20
CA GLN A 123 -3.93 -15.20 7.87
C GLN A 123 -4.50 -16.60 8.05
N LYS A 124 -5.16 -16.82 9.19
CA LYS A 124 -5.78 -18.11 9.49
C LYS A 124 -6.82 -18.48 8.46
N LEU A 125 -7.39 -17.46 7.80
CA LEU A 125 -8.34 -17.69 6.72
C LEU A 125 -7.58 -18.07 5.45
N ILE A 126 -6.44 -17.40 5.23
CA ILE A 126 -5.58 -17.72 4.11
C ILE A 126 -4.95 -19.10 4.30
N GLU A 127 -4.98 -19.59 5.53
CA GLU A 127 -4.48 -20.93 5.83
C GLU A 127 -5.52 -21.99 5.48
N CYS A 128 -6.72 -21.81 6.00
CA CYS A 128 -7.78 -22.80 5.83
C CYS A 128 -8.39 -22.77 4.43
N ILE A 129 -8.03 -21.77 3.65
CA ILE A 129 -8.52 -21.65 2.27
C ILE A 129 -8.23 -22.92 1.46
N LYS A 130 -9.29 -23.55 0.96
CA LYS A 130 -9.14 -24.79 0.19
C LYS A 130 -9.44 -24.59 -1.29
N THR A 131 -10.70 -24.36 -1.63
CA THR A 131 -11.11 -24.24 -3.02
C THR A 131 -10.39 -23.11 -3.75
N ASP A 132 -10.44 -23.15 -5.08
CA ASP A 132 -9.74 -22.17 -5.89
C ASP A 132 -10.58 -20.92 -6.11
N GLU A 133 -11.71 -20.85 -5.43
CA GLU A 133 -12.52 -19.64 -5.44
C GLU A 133 -12.12 -18.73 -4.28
N GLU A 134 -12.08 -19.30 -3.08
CA GLU A 134 -11.59 -18.57 -1.91
C GLU A 134 -10.24 -17.93 -2.23
N ALA A 135 -9.51 -18.55 -3.15
CA ALA A 135 -8.23 -18.03 -3.58
C ALA A 135 -8.42 -16.82 -4.49
N GLN A 136 -9.18 -17.00 -5.56
CA GLN A 136 -9.43 -15.92 -6.50
C GLN A 136 -10.08 -14.71 -5.86
N ILE A 137 -10.78 -14.94 -4.74
CA ILE A 137 -11.38 -13.85 -3.98
C ILE A 137 -10.33 -13.09 -3.17
N VAL A 138 -9.57 -13.82 -2.37
CA VAL A 138 -8.52 -13.22 -1.55
C VAL A 138 -7.50 -12.46 -2.38
N VAL A 139 -6.98 -13.09 -3.43
CA VAL A 139 -6.00 -12.45 -4.29
C VAL A 139 -6.54 -11.18 -4.95
N ASP A 140 -7.79 -11.22 -5.39
CA ASP A 140 -8.39 -10.09 -6.09
C ASP A 140 -8.57 -8.86 -5.19
N SER A 141 -8.87 -9.09 -3.92
CA SER A 141 -9.16 -7.99 -3.00
C SER A 141 -7.93 -7.53 -2.22
N LEU A 142 -6.81 -8.21 -2.40
CA LEU A 142 -5.55 -7.77 -1.80
C LEU A 142 -4.66 -7.16 -2.87
N ARG A 143 -4.85 -7.62 -4.10
CA ARG A 143 -4.01 -7.24 -5.23
C ARG A 143 -3.65 -5.76 -5.30
N PRO A 144 -4.64 -4.85 -5.16
CA PRO A 144 -4.33 -3.42 -5.28
C PRO A 144 -3.86 -2.78 -3.97
N TYR A 145 -3.67 -3.59 -2.93
CA TYR A 145 -3.20 -3.09 -1.66
C TYR A 145 -1.85 -3.71 -1.29
N THR A 146 -1.40 -4.63 -2.12
CA THR A 146 -0.21 -5.43 -1.86
C THR A 146 0.95 -4.62 -1.31
N VAL A 147 1.43 -3.66 -2.08
CA VAL A 147 2.55 -2.83 -1.65
C VAL A 147 2.30 -2.23 -0.26
N GLN A 148 1.18 -1.52 -0.14
CA GLN A 148 0.83 -0.82 1.10
C GLN A 148 0.83 -1.73 2.33
N LEU A 149 0.35 -2.94 2.17
CA LEU A 149 0.25 -3.88 3.28
C LEU A 149 1.61 -4.40 3.69
N SER A 150 2.48 -4.61 2.71
CA SER A 150 3.83 -5.10 2.95
C SER A 150 4.65 -4.11 3.78
N LYS A 151 4.34 -2.83 3.62
CA LYS A 151 5.03 -1.77 4.35
C LYS A 151 4.45 -1.59 5.75
N ASP A 152 3.41 -2.35 6.06
CA ASP A 152 2.72 -2.22 7.35
C ASP A 152 3.18 -3.28 8.35
N LEU A 153 3.24 -2.90 9.62
CA LEU A 153 3.65 -3.80 10.68
C LEU A 153 2.84 -5.10 10.68
N ASN A 154 1.52 -4.96 10.51
CA ASN A 154 0.63 -6.12 10.52
C ASN A 154 0.14 -6.48 9.13
N GLY A 155 0.25 -5.53 8.21
CA GLY A 155 -0.22 -5.73 6.84
C GLY A 155 0.65 -6.69 6.06
N ASN A 156 1.95 -6.68 6.34
CA ASN A 156 2.88 -7.52 5.62
C ASN A 156 2.76 -9.00 6.01
N HIS A 157 2.53 -9.24 7.29
CA HIS A 157 2.41 -10.61 7.79
C HIS A 157 1.27 -11.38 7.14
N VAL A 158 0.35 -10.64 6.50
CA VAL A 158 -0.72 -11.26 5.73
C VAL A 158 -0.24 -11.56 4.32
N ILE A 159 0.43 -10.59 3.71
CA ILE A 159 1.06 -10.82 2.41
C ILE A 159 2.08 -11.96 2.49
N GLN A 160 2.71 -12.11 3.65
CA GLN A 160 3.65 -13.21 3.87
C GLN A 160 2.94 -14.56 3.91
N LYS A 161 1.67 -14.56 4.30
CA LYS A 161 0.90 -15.78 4.41
C LYS A 161 0.43 -16.27 3.04
N CYS A 162 0.18 -15.32 2.14
CA CYS A 162 -0.24 -15.65 0.78
C CYS A 162 0.84 -16.43 0.04
N LEU A 163 2.10 -16.12 0.35
CA LEU A 163 3.23 -16.82 -0.24
C LEU A 163 3.42 -18.16 0.45
N GLN A 164 3.23 -18.14 1.76
CA GLN A 164 3.44 -19.32 2.60
C GLN A 164 2.36 -20.39 2.44
N ARG A 165 1.27 -20.07 1.74
CA ARG A 165 0.13 -21.00 1.63
C ARG A 165 -0.42 -21.21 0.22
N LEU A 166 -0.58 -20.13 -0.53
CA LEU A 166 -1.18 -20.21 -1.87
C LEU A 166 -0.30 -20.94 -2.88
N LYS A 167 -0.88 -21.21 -4.05
CA LYS A 167 -0.14 -21.79 -5.16
C LYS A 167 0.68 -20.72 -5.86
N PRO A 168 1.79 -21.11 -6.49
CA PRO A 168 2.62 -20.15 -7.23
C PRO A 168 1.79 -19.36 -8.24
N GLU A 169 0.78 -20.00 -8.80
CA GLU A 169 -0.10 -19.37 -9.77
C GLU A 169 -0.90 -18.25 -9.12
N ASN A 170 -1.27 -18.46 -7.85
CA ASN A 170 -2.14 -17.54 -7.12
C ASN A 170 -1.46 -16.30 -6.56
N PHE A 171 -0.36 -16.50 -5.81
CA PHE A 171 0.35 -15.37 -5.23
C PHE A 171 1.19 -14.62 -6.24
N GLN A 172 0.98 -14.93 -7.52
CA GLN A 172 1.66 -14.23 -8.60
C GLN A 172 1.44 -12.72 -8.53
N PHE A 173 0.31 -12.33 -7.96
CA PHE A 173 -0.05 -10.91 -7.84
C PHE A 173 0.96 -10.16 -7.00
N ILE A 174 1.44 -10.81 -5.95
CA ILE A 174 2.46 -10.23 -5.08
C ILE A 174 3.70 -9.92 -5.89
N PHE A 175 4.23 -10.93 -6.57
CA PHE A 175 5.41 -10.77 -7.40
C PHE A 175 5.21 -9.70 -8.46
N ASP A 176 4.00 -9.62 -9.02
CA ASP A 176 3.68 -8.58 -10.00
C ASP A 176 3.62 -7.21 -9.33
N ALA A 177 3.04 -7.16 -8.14
CA ALA A 177 2.92 -5.92 -7.40
C ALA A 177 4.29 -5.48 -6.88
N ILE A 178 5.10 -6.45 -6.48
CA ILE A 178 6.42 -6.16 -5.93
C ILE A 178 7.47 -5.88 -7.03
N SER A 179 7.18 -6.31 -8.24
CA SER A 179 8.10 -6.10 -9.36
C SER A 179 7.82 -4.79 -10.11
N ASP A 180 7.13 -3.87 -9.45
CA ASP A 180 6.92 -2.54 -9.99
C ASP A 180 7.27 -1.51 -8.93
N SER A 181 7.69 -2.02 -7.77
CA SER A 181 8.06 -1.20 -6.63
C SER A 181 9.14 -1.92 -5.81
N CYS A 182 10.15 -2.43 -6.52
CA CYS A 182 11.21 -3.22 -5.89
C CYS A 182 11.90 -2.49 -4.75
N ILE A 183 12.66 -1.46 -5.09
CA ILE A 183 13.42 -0.71 -4.10
C ILE A 183 12.51 -0.11 -3.03
N ASP A 184 11.30 0.27 -3.41
CA ASP A 184 10.34 0.84 -2.46
C ASP A 184 10.08 -0.12 -1.31
N ILE A 185 10.03 -1.41 -1.64
CA ILE A 185 9.67 -2.45 -0.67
C ILE A 185 10.90 -3.06 -0.02
N ALA A 186 11.96 -3.22 -0.81
CA ALA A 186 13.19 -3.82 -0.32
C ALA A 186 13.88 -2.94 0.72
N THR A 187 13.95 -1.64 0.44
CA THR A 187 14.62 -0.69 1.32
C THR A 187 13.72 -0.29 2.49
N HIS A 188 12.51 -0.82 2.52
CA HIS A 188 11.55 -0.52 3.58
C HIS A 188 11.64 -1.57 4.68
N ARG A 189 11.42 -1.15 5.92
CA ARG A 189 11.59 -2.04 7.07
C ARG A 189 10.88 -3.39 6.95
N HIS A 190 9.55 -3.37 6.85
CA HIS A 190 8.77 -4.60 6.77
C HIS A 190 8.70 -5.11 5.33
N GLY A 191 9.00 -4.23 4.39
CA GLY A 191 8.94 -4.59 2.99
C GLY A 191 9.95 -5.66 2.63
N CYS A 192 11.10 -5.65 3.28
CA CYS A 192 12.14 -6.62 2.99
C CYS A 192 11.87 -7.98 3.65
N CYS A 193 11.19 -7.96 4.79
CA CYS A 193 10.83 -9.21 5.48
C CYS A 193 9.83 -10.00 4.66
N VAL A 194 9.15 -9.32 3.74
CA VAL A 194 8.19 -9.95 2.85
C VAL A 194 8.90 -10.48 1.61
N LEU A 195 9.88 -9.71 1.13
CA LEU A 195 10.70 -10.15 0.01
C LEU A 195 11.38 -11.48 0.33
N GLN A 196 11.67 -11.69 1.62
CA GLN A 196 12.33 -12.91 2.06
C GLN A 196 11.41 -14.13 1.91
N ARG A 197 10.11 -13.92 1.95
CA ARG A 197 9.18 -15.01 1.73
C ARG A 197 8.85 -15.17 0.24
N CYS A 198 9.18 -14.16 -0.55
CA CYS A 198 9.10 -14.30 -2.00
C CYS A 198 10.14 -15.32 -2.45
N LEU A 199 11.37 -15.10 -2.01
CA LEU A 199 12.50 -15.97 -2.37
C LEU A 199 12.31 -17.38 -1.80
N ASP A 200 11.50 -17.49 -0.75
CA ASP A 200 11.26 -18.77 -0.10
C ASP A 200 10.26 -19.65 -0.83
N HIS A 201 9.09 -19.10 -1.13
CA HIS A 201 7.99 -19.90 -1.68
C HIS A 201 7.73 -19.64 -3.16
N GLY A 202 8.50 -18.74 -3.76
CA GLY A 202 8.29 -18.37 -5.15
C GLY A 202 8.63 -19.46 -6.13
N THR A 203 8.44 -19.16 -7.41
CA THR A 203 8.80 -20.08 -8.49
C THR A 203 10.19 -19.74 -9.01
N THR A 204 10.94 -20.76 -9.39
CA THR A 204 12.28 -20.54 -9.93
C THR A 204 12.25 -19.55 -11.10
N GLU A 205 11.10 -19.45 -11.77
CA GLU A 205 10.91 -18.45 -12.82
C GLU A 205 10.64 -17.09 -12.20
N GLN A 206 9.90 -17.10 -11.09
CA GLN A 206 9.53 -15.89 -10.39
C GLN A 206 10.73 -15.24 -9.70
N CYS A 207 11.35 -15.98 -8.79
CA CYS A 207 12.51 -15.47 -8.05
C CYS A 207 13.61 -15.03 -9.00
N ASP A 208 13.72 -15.71 -10.14
CA ASP A 208 14.72 -15.36 -11.15
C ASP A 208 14.23 -14.27 -12.09
N ASN A 209 13.20 -13.54 -11.66
CA ASN A 209 12.75 -12.34 -12.35
C ASN A 209 12.69 -11.22 -11.35
N LEU A 210 12.44 -11.58 -10.09
CA LEU A 210 12.48 -10.67 -8.97
C LEU A 210 13.92 -10.25 -8.70
N CYS A 211 14.82 -11.21 -8.81
CA CYS A 211 16.24 -10.94 -8.60
C CYS A 211 16.86 -10.18 -9.76
N ASP A 212 16.36 -10.44 -10.97
CA ASP A 212 16.78 -9.64 -12.12
C ASP A 212 16.65 -8.17 -11.75
N LYS A 213 15.54 -7.82 -11.12
CA LYS A 213 15.30 -6.46 -10.67
C LYS A 213 16.20 -6.10 -9.50
N LEU A 214 16.12 -6.87 -8.42
CA LEU A 214 16.95 -6.62 -7.24
C LEU A 214 18.41 -6.38 -7.60
N LEU A 215 18.91 -7.14 -8.57
CA LEU A 215 20.31 -7.05 -8.97
C LEU A 215 20.65 -5.69 -9.56
N ALA A 216 19.67 -5.04 -10.18
CA ALA A 216 19.89 -3.73 -10.78
C ALA A 216 19.88 -2.62 -9.72
N LEU A 217 19.66 -3.00 -8.47
CA LEU A 217 19.66 -2.06 -7.36
C LEU A 217 20.63 -2.53 -6.28
N VAL A 218 21.48 -3.49 -6.63
CA VAL A 218 22.41 -4.10 -5.69
C VAL A 218 23.39 -3.06 -5.13
N ASP A 219 23.56 -1.96 -5.84
CA ASP A 219 24.38 -0.87 -5.37
C ASP A 219 23.71 -0.21 -4.17
N LYS A 220 22.46 0.19 -4.37
CA LYS A 220 21.71 0.94 -3.36
C LYS A 220 21.08 0.06 -2.29
N LEU A 221 20.91 -1.22 -2.60
CA LEU A 221 20.33 -2.16 -1.64
C LEU A 221 21.37 -2.61 -0.62
N THR A 222 22.63 -2.66 -1.06
CA THR A 222 23.71 -3.10 -0.18
C THR A 222 24.03 -2.06 0.87
N LEU A 223 23.89 -0.79 0.50
CA LEU A 223 24.15 0.32 1.42
C LEU A 223 22.95 0.62 2.33
N ASP A 224 21.75 0.40 1.80
CA ASP A 224 20.51 0.66 2.53
C ASP A 224 20.36 -0.24 3.76
N PRO A 225 19.80 0.32 4.85
CA PRO A 225 19.65 -0.36 6.15
C PRO A 225 18.75 -1.58 6.11
N PHE A 226 18.00 -1.75 5.02
CA PHE A 226 17.11 -2.89 4.89
C PHE A 226 17.36 -3.68 3.61
N GLY A 227 17.62 -2.96 2.52
CA GLY A 227 17.93 -3.58 1.25
C GLY A 227 19.10 -4.56 1.35
N ASN A 228 20.03 -4.29 2.26
CA ASN A 228 21.19 -5.15 2.44
C ASN A 228 20.79 -6.51 3.03
N TYR A 229 19.75 -6.52 3.84
CA TYR A 229 19.27 -7.75 4.44
C TYR A 229 18.66 -8.66 3.38
N VAL A 230 18.28 -8.09 2.25
CA VAL A 230 17.73 -8.86 1.14
C VAL A 230 18.86 -9.43 0.28
N VAL A 231 19.86 -8.60 -0.03
CA VAL A 231 21.01 -9.08 -0.77
C VAL A 231 21.66 -10.26 -0.04
N GLN A 232 21.76 -10.15 1.27
CA GLN A 232 22.26 -11.26 2.09
C GLN A 232 21.36 -12.47 1.97
N TYR A 233 20.11 -12.26 1.58
CA TYR A 233 19.15 -13.36 1.52
C TYR A 233 19.18 -14.09 0.18
N ILE A 234 19.30 -13.34 -0.91
CA ILE A 234 19.47 -13.95 -2.22
C ILE A 234 20.60 -14.97 -2.13
N ILE A 235 21.72 -14.55 -1.57
CA ILE A 235 22.86 -15.42 -1.37
C ILE A 235 22.51 -16.57 -0.43
N THR A 236 21.89 -16.25 0.71
CA THR A 236 21.54 -17.25 1.70
C THR A 236 20.75 -18.41 1.10
N LYS A 237 19.77 -18.10 0.26
CA LYS A 237 18.92 -19.12 -0.33
C LYS A 237 19.68 -19.98 -1.34
N GLU A 238 20.38 -19.34 -2.26
CA GLU A 238 21.15 -20.08 -3.26
C GLU A 238 22.17 -20.98 -2.60
N ALA A 239 22.67 -20.57 -1.43
CA ALA A 239 23.63 -21.39 -0.69
C ALA A 239 22.93 -22.49 0.09
N GLU A 240 21.60 -22.50 0.01
CA GLU A 240 20.80 -23.50 0.71
C GLU A 240 20.29 -24.53 -0.30
N LYS A 241 20.13 -24.09 -1.54
CA LYS A 241 19.76 -24.98 -2.65
C LYS A 241 21.00 -25.39 -3.43
N ASN A 242 22.17 -25.01 -2.92
CA ASN A 242 23.44 -25.32 -3.56
C ASN A 242 23.44 -25.09 -5.06
N LYS A 243 22.65 -24.12 -5.48
CA LYS A 243 22.52 -23.74 -6.88
C LYS A 243 22.77 -22.24 -6.98
N TYR A 244 23.98 -21.87 -7.36
CA TYR A 244 24.37 -20.47 -7.35
C TYR A 244 24.14 -19.77 -8.70
N ASP A 245 23.15 -18.90 -8.73
CA ASP A 245 22.86 -18.12 -9.93
C ASP A 245 23.27 -16.67 -9.73
N TYR A 246 22.66 -16.01 -8.74
CA TYR A 246 22.88 -14.59 -8.52
C TYR A 246 24.01 -14.30 -7.54
N THR A 247 24.33 -15.27 -6.68
CA THR A 247 25.43 -15.09 -5.75
C THR A 247 26.68 -14.62 -6.48
N HIS A 248 26.89 -15.15 -7.69
CA HIS A 248 28.01 -14.73 -8.52
C HIS A 248 27.74 -13.40 -9.22
N LYS A 249 26.51 -13.20 -9.67
CA LYS A 249 26.14 -11.95 -10.31
C LYS A 249 26.22 -10.80 -9.30
N ILE A 250 26.03 -11.12 -8.02
CA ILE A 250 26.21 -10.16 -6.94
C ILE A 250 27.69 -9.84 -6.76
N VAL A 251 28.49 -10.88 -6.57
CA VAL A 251 29.93 -10.72 -6.36
C VAL A 251 30.61 -10.02 -7.52
N HIS A 252 30.16 -10.28 -8.74
CA HIS A 252 30.72 -9.64 -9.92
C HIS A 252 30.47 -8.14 -9.92
N LEU A 253 29.50 -7.69 -9.12
CA LEU A 253 29.12 -6.28 -9.05
C LEU A 253 29.43 -5.64 -7.69
N LEU A 254 29.88 -6.45 -6.74
CA LEU A 254 30.20 -5.94 -5.40
C LEU A 254 31.68 -6.11 -5.06
N LYS A 255 32.43 -6.75 -5.94
CA LYS A 255 33.84 -7.04 -5.69
C LYS A 255 34.78 -5.94 -6.18
N PRO A 256 34.62 -5.49 -7.44
CA PRO A 256 35.48 -4.44 -7.98
C PRO A 256 35.71 -3.30 -6.99
N ARG A 257 34.69 -2.99 -6.19
CA ARG A 257 34.81 -1.98 -5.15
C ARG A 257 34.37 -2.57 -3.81
N ALA A 258 35.24 -3.39 -3.22
CA ALA A 258 34.89 -4.13 -2.00
C ALA A 258 35.39 -3.45 -0.73
N ILE A 259 36.46 -2.66 -0.86
CA ILE A 259 36.99 -1.96 0.29
C ILE A 259 36.04 -0.84 0.70
N GLU A 260 35.42 -0.22 -0.30
CA GLU A 260 34.48 0.87 -0.07
C GLU A 260 33.24 0.39 0.67
N LEU A 261 32.71 -0.75 0.24
CA LEU A 261 31.49 -1.31 0.85
C LEU A 261 31.80 -1.97 2.19
N SER A 262 33.08 -2.12 2.49
CA SER A 262 33.50 -2.78 3.71
C SER A 262 33.50 -1.82 4.89
N ILE A 263 33.94 -0.59 4.64
CA ILE A 263 34.00 0.45 5.67
C ILE A 263 32.68 1.21 5.74
N HIS A 264 31.59 0.45 5.83
CA HIS A 264 30.25 1.03 5.80
C HIS A 264 29.31 0.18 6.67
N LYS A 265 28.56 0.85 7.53
CA LYS A 265 27.77 0.17 8.55
C LYS A 265 26.95 -1.03 8.03
N PHE A 266 26.38 -0.88 6.84
CA PHE A 266 25.48 -1.91 6.30
C PHE A 266 26.11 -2.73 5.19
N GLY A 267 26.88 -2.08 4.33
CA GLY A 267 27.60 -2.79 3.29
C GLY A 267 28.55 -3.82 3.86
N SER A 268 29.07 -3.52 5.06
CA SER A 268 30.01 -4.41 5.73
C SER A 268 29.39 -5.77 6.06
N ASN A 269 28.08 -5.78 6.27
CA ASN A 269 27.37 -7.01 6.56
C ASN A 269 27.12 -7.86 5.32
N VAL A 270 26.98 -7.18 4.18
CA VAL A 270 26.82 -7.85 2.90
C VAL A 270 28.13 -8.51 2.47
N ILE A 271 29.24 -7.85 2.77
CA ILE A 271 30.56 -8.35 2.42
C ILE A 271 30.98 -9.50 3.32
N GLU A 272 30.54 -9.48 4.57
CA GLU A 272 30.82 -10.59 5.48
C GLU A 272 30.08 -11.85 5.03
N LYS A 273 28.95 -11.68 4.37
CA LYS A 273 28.18 -12.82 3.89
C LYS A 273 28.89 -13.49 2.72
N ILE A 274 29.24 -12.70 1.71
CA ILE A 274 30.01 -13.20 0.59
C ILE A 274 31.29 -13.83 1.12
N LEU A 275 31.77 -13.29 2.23
CA LEU A 275 33.00 -13.77 2.85
C LEU A 275 32.75 -15.04 3.65
N LYS A 276 31.48 -15.29 3.98
CA LYS A 276 31.13 -16.46 4.78
C LYS A 276 30.52 -17.59 3.95
N THR A 277 30.46 -17.43 2.64
CA THR A 277 29.98 -18.48 1.76
C THR A 277 31.12 -19.07 0.91
N ALA A 278 31.48 -20.31 1.20
CA ALA A 278 32.65 -20.95 0.63
C ALA A 278 32.84 -20.69 -0.85
N ILE A 279 31.85 -21.07 -1.65
CA ILE A 279 31.98 -21.01 -3.10
C ILE A 279 32.44 -19.65 -3.64
N VAL A 280 32.44 -18.64 -2.78
CA VAL A 280 32.85 -17.30 -3.19
C VAL A 280 33.82 -16.68 -2.18
N SER A 281 33.84 -17.26 -0.98
CA SER A 281 34.69 -16.75 0.09
C SER A 281 36.09 -16.36 -0.41
N GLU A 282 36.75 -17.29 -1.07
CA GLU A 282 38.12 -17.08 -1.53
C GLU A 282 38.28 -15.89 -2.47
N PRO A 283 37.66 -15.95 -3.67
CA PRO A 283 37.88 -14.89 -4.65
C PRO A 283 37.62 -13.49 -4.11
N MET A 284 36.91 -13.39 -2.99
CA MET A 284 36.66 -12.10 -2.35
C MET A 284 37.84 -11.71 -1.46
N ILE A 285 38.30 -12.66 -0.64
CA ILE A 285 39.53 -12.46 0.13
C ILE A 285 40.65 -12.11 -0.83
N LEU A 286 40.52 -12.56 -2.07
CA LEU A 286 41.53 -12.37 -3.10
C LEU A 286 41.44 -10.97 -3.70
N GLU A 287 40.32 -10.31 -3.47
CA GLU A 287 40.14 -8.95 -3.96
C GLU A 287 40.64 -7.93 -2.93
N ILE A 288 40.72 -8.37 -1.68
CA ILE A 288 41.26 -7.54 -0.62
C ILE A 288 42.78 -7.40 -0.77
N LEU A 289 43.37 -8.36 -1.47
CA LEU A 289 44.82 -8.37 -1.70
C LEU A 289 45.18 -7.77 -3.04
N ASN A 290 44.43 -8.14 -4.08
CA ASN A 290 44.70 -7.66 -5.43
C ASN A 290 44.65 -6.14 -5.53
N ASN A 291 43.43 -5.60 -5.50
CA ASN A 291 43.24 -4.16 -5.56
C ASN A 291 43.23 -3.50 -4.18
N GLY A 292 42.85 -4.27 -3.16
CA GLY A 292 42.83 -3.79 -1.80
C GLY A 292 44.18 -3.25 -1.36
N GLY A 293 45.20 -4.11 -1.43
CA GLY A 293 46.55 -3.72 -1.11
C GLY A 293 46.80 -3.61 0.39
N GLU A 294 48.03 -3.29 0.76
CA GLU A 294 48.37 -3.06 2.16
C GLU A 294 47.68 -1.80 2.63
N THR A 295 47.29 -0.95 1.69
CA THR A 295 46.52 0.25 1.98
C THR A 295 45.15 -0.13 2.51
N GLY A 296 44.36 -0.78 1.65
CA GLY A 296 43.02 -1.19 1.98
C GLY A 296 42.93 -1.90 3.32
N ILE A 297 43.92 -2.73 3.63
CA ILE A 297 43.94 -3.45 4.90
C ILE A 297 43.99 -2.47 6.06
N GLN A 298 44.69 -1.36 5.86
CA GLN A 298 44.74 -0.31 6.86
C GLN A 298 43.36 0.33 7.00
N SER A 299 42.74 0.63 5.86
CA SER A 299 41.40 1.20 5.85
C SER A 299 40.41 0.30 6.57
N LEU A 300 40.56 -1.00 6.38
CA LEU A 300 39.75 -1.99 7.07
C LEU A 300 40.11 -2.02 8.55
N LEU A 301 41.41 -1.94 8.82
CA LEU A 301 41.93 -2.06 10.17
C LEU A 301 41.35 -1.05 11.15
N ASN A 302 41.32 0.22 10.76
CA ASN A 302 40.91 1.30 11.65
C ASN A 302 39.42 1.61 11.67
N ASP A 303 38.72 1.25 10.60
CA ASP A 303 37.29 1.52 10.52
C ASP A 303 36.51 0.62 11.47
N SER A 304 35.41 1.15 11.99
CA SER A 304 34.61 0.45 12.98
C SER A 304 33.74 -0.64 12.36
N TYR A 305 33.63 -0.64 11.03
CA TYR A 305 32.85 -1.63 10.32
C TYR A 305 33.76 -2.52 9.47
N GLY A 306 34.85 -1.94 8.99
CA GLY A 306 35.82 -2.66 8.18
C GLY A 306 36.63 -3.65 9.00
N ASN A 307 36.90 -3.29 10.26
CA ASN A 307 37.69 -4.16 11.14
C ASN A 307 36.98 -5.47 11.42
N TYR A 308 35.71 -5.55 11.01
CA TYR A 308 34.95 -6.78 11.13
C TYR A 308 35.06 -7.58 9.84
N VAL A 309 35.16 -6.88 8.72
CA VAL A 309 35.39 -7.51 7.44
C VAL A 309 36.79 -8.14 7.43
N LEU A 310 37.78 -7.35 7.86
CA LEU A 310 39.15 -7.83 7.98
C LEU A 310 39.22 -8.98 8.98
N GLN A 311 38.53 -8.82 10.10
CA GLN A 311 38.56 -9.81 11.17
C GLN A 311 37.89 -11.12 10.75
N THR A 312 36.96 -11.04 9.81
CA THR A 312 36.29 -12.24 9.29
C THR A 312 37.13 -12.88 8.18
N ALA A 313 37.70 -12.04 7.33
CA ALA A 313 38.56 -12.52 6.24
C ALA A 313 39.73 -13.32 6.79
N LEU A 314 40.10 -13.05 8.03
CA LEU A 314 41.15 -13.81 8.72
C LEU A 314 40.63 -15.17 9.14
N ASP A 315 39.61 -15.17 9.99
CA ASP A 315 39.02 -16.40 10.50
C ASP A 315 38.70 -17.37 9.38
N ILE A 316 38.28 -16.85 8.24
CA ILE A 316 37.86 -17.68 7.12
C ILE A 316 39.03 -18.23 6.31
N SER A 317 39.89 -17.33 5.83
CA SER A 317 41.07 -17.76 5.07
C SER A 317 41.88 -18.73 5.91
N HIS A 318 41.98 -18.45 7.20
CA HIS A 318 42.68 -19.32 8.14
C HIS A 318 42.24 -20.77 7.98
N LYS A 319 40.94 -20.98 7.81
CA LYS A 319 40.38 -22.32 7.70
C LYS A 319 40.37 -22.84 6.27
N GLN A 320 40.07 -21.96 5.32
CA GLN A 320 39.92 -22.37 3.93
C GLN A 320 41.20 -22.37 3.11
N ASN A 321 42.05 -21.37 3.32
CA ASN A 321 43.24 -21.22 2.49
C ASN A 321 44.44 -20.67 3.23
N ASP A 322 45.42 -21.52 3.50
CA ASP A 322 46.61 -21.13 4.24
C ASP A 322 47.56 -20.27 3.43
N TYR A 323 47.27 -20.12 2.14
CA TYR A 323 48.05 -19.22 1.31
C TYR A 323 47.43 -17.83 1.29
N LEU A 324 46.16 -17.75 1.71
CA LEU A 324 45.51 -16.46 1.87
C LEU A 324 45.72 -15.94 3.28
N TYR A 325 45.53 -16.83 4.26
CA TYR A 325 45.80 -16.49 5.65
C TYR A 325 47.23 -15.98 5.79
N LYS A 326 48.13 -16.57 5.01
CA LYS A 326 49.55 -16.23 5.06
C LYS A 326 49.83 -14.86 4.42
N ARG A 327 49.16 -14.58 3.31
CA ARG A 327 49.35 -13.31 2.63
C ARG A 327 48.55 -12.19 3.29
N LEU A 328 47.52 -12.59 4.04
CA LEU A 328 46.71 -11.65 4.81
C LEU A 328 47.50 -11.25 6.05
N SER A 329 48.10 -12.23 6.71
CA SER A 329 48.84 -11.99 7.95
C SER A 329 50.13 -11.20 7.73
N GLU A 330 50.84 -11.49 6.65
CA GLU A 330 52.12 -10.83 6.41
C GLU A 330 51.93 -9.36 6.01
N ILE A 331 50.68 -8.92 5.96
CA ILE A 331 50.37 -7.52 5.69
C ILE A 331 49.79 -6.86 6.94
N VAL A 332 48.98 -7.63 7.67
CA VAL A 332 48.33 -7.14 8.88
C VAL A 332 49.33 -6.93 10.02
N ALA A 333 50.19 -7.93 10.24
CA ALA A 333 51.18 -7.86 11.31
C ALA A 333 52.02 -6.58 11.31
N PRO A 334 52.56 -6.20 10.14
CA PRO A 334 53.37 -4.98 10.06
C PRO A 334 52.59 -3.75 10.51
N LEU A 335 51.27 -3.80 10.41
CA LEU A 335 50.44 -2.63 10.67
C LEU A 335 49.82 -2.62 12.06
N LEU A 336 50.01 -3.71 12.81
CA LEU A 336 49.53 -3.76 14.19
C LEU A 336 50.59 -3.23 15.15
N VAL A 337 50.92 -1.95 14.98
CA VAL A 337 51.97 -1.30 15.75
C VAL A 337 51.49 0.03 16.31
N GLY A 338 51.73 0.25 17.60
CA GLY A 338 51.44 1.52 18.23
C GLY A 338 50.05 1.61 18.83
N PRO A 339 49.34 2.72 18.54
CA PRO A 339 48.01 3.05 19.06
C PRO A 339 46.93 2.00 18.78
N ILE A 340 47.01 1.34 17.62
CA ILE A 340 46.01 0.34 17.26
C ILE A 340 45.98 -0.84 18.23
N ARG A 341 47.17 -1.33 18.60
CA ARG A 341 47.28 -2.46 19.50
C ARG A 341 46.52 -2.27 20.81
N ASN A 342 46.11 -1.04 21.07
CA ASN A 342 45.41 -0.72 22.32
C ASN A 342 43.95 -0.36 22.11
N THR A 343 43.45 -0.63 20.91
CA THR A 343 42.05 -0.40 20.58
C THR A 343 41.27 -1.71 20.70
N PRO A 344 39.94 -1.61 20.81
CA PRO A 344 39.08 -2.80 20.91
C PRO A 344 39.27 -3.71 19.70
N HIS A 345 39.13 -3.13 18.51
CA HIS A 345 39.25 -3.89 17.27
C HIS A 345 40.70 -4.27 16.99
N GLY A 346 41.62 -3.56 17.63
CA GLY A 346 43.04 -3.85 17.47
C GLY A 346 43.41 -5.12 18.20
N LYS A 347 43.03 -5.22 19.46
CA LYS A 347 43.33 -6.39 20.27
C LYS A 347 42.70 -7.64 19.68
N ARG A 348 41.54 -7.46 19.07
CA ARG A 348 40.78 -8.58 18.50
C ARG A 348 41.50 -9.16 17.28
N ILE A 349 42.02 -8.29 16.42
CA ILE A 349 42.75 -8.72 15.23
C ILE A 349 44.13 -9.28 15.56
N ILE A 350 44.72 -8.79 16.64
CA ILE A 350 46.00 -9.31 17.09
C ILE A 350 45.90 -10.81 17.34
N GLY A 351 44.79 -11.23 17.93
CA GLY A 351 44.58 -12.63 18.25
C GLY A 351 44.44 -13.53 17.04
N MET A 352 44.36 -12.92 15.86
CA MET A 352 44.21 -13.66 14.61
C MET A 352 45.39 -13.41 13.68
N LEU A 353 46.56 -13.94 14.01
CA LEU A 353 47.73 -13.78 13.17
C LEU A 353 48.46 -15.10 12.93
N HIS A 354 48.53 -15.93 13.97
CA HIS A 354 49.15 -17.24 13.85
C HIS A 354 48.43 -18.26 14.73
N LEU A 355 47.51 -19.00 14.14
CA LEU A 355 46.75 -20.01 14.87
C LEU A 355 46.65 -21.32 14.07
N ASP A 356 47.43 -21.41 12.98
CA ASP A 356 47.43 -22.60 12.13
C ASP A 356 48.62 -23.51 12.43
N HIS B 38 -31.60 -3.72 -35.74
CA HIS B 38 -30.66 -4.21 -34.74
C HIS B 38 -29.24 -4.37 -35.29
N SER B 39 -29.13 -5.08 -36.41
CA SER B 39 -27.83 -5.40 -37.00
C SER B 39 -26.96 -4.15 -37.21
N LEU B 40 -27.60 -2.98 -37.14
CA LEU B 40 -26.91 -1.71 -37.33
C LEU B 40 -26.17 -1.27 -36.07
N CYS B 41 -26.67 -1.70 -34.91
CA CYS B 41 -26.10 -1.31 -33.62
C CYS B 41 -24.68 -1.84 -33.45
N LYS B 42 -24.36 -2.91 -34.17
CA LYS B 42 -23.03 -3.50 -34.11
C LYS B 42 -22.02 -2.59 -34.78
N ASP B 43 -22.42 -1.99 -35.90
CA ASP B 43 -21.55 -1.09 -36.66
C ASP B 43 -21.77 0.37 -36.26
N GLN B 44 -20.68 1.11 -36.16
CA GLN B 44 -20.73 2.52 -35.77
C GLN B 44 -21.72 3.32 -36.61
N HIS B 45 -21.47 3.36 -37.91
CA HIS B 45 -22.32 4.12 -38.83
C HIS B 45 -23.78 3.70 -38.70
N GLY B 46 -23.99 2.45 -38.29
CA GLY B 46 -25.34 1.96 -38.02
C GLY B 46 -25.96 2.76 -36.89
N CYS B 47 -25.26 2.84 -35.76
CA CYS B 47 -25.74 3.60 -34.62
C CYS B 47 -25.90 5.07 -34.95
N ARG B 48 -24.82 5.69 -35.42
CA ARG B 48 -24.84 7.10 -35.81
C ARG B 48 -26.12 7.43 -36.58
N PHE B 49 -26.44 6.59 -37.57
CA PHE B 49 -27.66 6.75 -38.34
C PHE B 49 -28.90 6.60 -37.46
N LEU B 50 -28.96 5.51 -36.71
CA LEU B 50 -30.08 5.26 -35.82
C LEU B 50 -30.22 6.40 -34.81
N GLN B 51 -29.11 6.82 -34.24
CA GLN B 51 -29.10 7.94 -33.29
C GLN B 51 -29.72 9.18 -33.94
N LYS B 52 -29.27 9.48 -35.16
CA LYS B 52 -29.79 10.61 -35.92
C LYS B 52 -31.31 10.48 -36.06
N GLN B 53 -31.78 9.27 -36.30
CA GLN B 53 -33.20 8.99 -36.41
C GLN B 53 -33.95 9.31 -35.12
N LEU B 54 -33.39 8.94 -33.97
CA LEU B 54 -34.06 9.19 -32.69
C LEU B 54 -34.33 10.68 -32.44
N ASP B 55 -33.27 11.48 -32.39
CA ASP B 55 -33.37 12.90 -32.06
C ASP B 55 -34.39 13.64 -32.92
N ILE B 56 -34.17 13.64 -34.23
CA ILE B 56 -35.06 14.32 -35.17
C ILE B 56 -36.27 13.47 -35.58
N LEU B 57 -37.16 13.18 -34.63
CA LEU B 57 -38.41 12.49 -34.94
C LEU B 57 -39.47 12.71 -33.86
N GLY B 58 -40.22 11.65 -33.55
CA GLY B 58 -41.27 11.73 -32.54
C GLY B 58 -41.31 10.53 -31.62
N SER B 59 -42.42 10.36 -30.91
CA SER B 59 -42.58 9.23 -30.00
C SER B 59 -42.56 7.88 -30.71
N LYS B 60 -43.44 7.73 -31.70
CA LYS B 60 -43.59 6.48 -32.45
C LYS B 60 -42.26 5.81 -32.80
N ALA B 61 -41.30 6.60 -33.28
CA ALA B 61 -39.99 6.09 -33.65
C ALA B 61 -39.26 5.51 -32.44
N ALA B 62 -39.15 6.31 -31.39
CA ALA B 62 -38.51 5.87 -30.16
C ALA B 62 -39.19 4.61 -29.61
N ASP B 63 -40.48 4.47 -29.92
CA ASP B 63 -41.23 3.29 -29.51
C ASP B 63 -40.86 2.09 -30.37
N ALA B 64 -40.81 2.33 -31.68
CA ALA B 64 -40.49 1.27 -32.63
C ALA B 64 -39.11 0.68 -32.35
N ILE B 65 -38.10 1.53 -32.33
CA ILE B 65 -36.73 1.08 -32.09
C ILE B 65 -36.57 0.51 -30.69
N PHE B 66 -37.51 0.85 -29.81
CA PHE B 66 -37.50 0.32 -28.45
C PHE B 66 -37.96 -1.13 -28.41
N GLU B 67 -38.85 -1.50 -29.32
CA GLU B 67 -39.43 -2.84 -29.32
C GLU B 67 -38.48 -3.88 -29.91
N GLU B 68 -37.66 -3.46 -30.87
CA GLU B 68 -36.79 -4.39 -31.58
C GLU B 68 -35.32 -4.33 -31.13
N THR B 69 -35.08 -3.71 -29.98
CA THR B 69 -33.74 -3.66 -29.40
C THR B 69 -33.78 -3.99 -27.92
N LYS B 70 -34.95 -3.83 -27.32
CA LYS B 70 -35.13 -4.07 -25.88
C LYS B 70 -34.61 -5.43 -25.45
N ASP B 71 -34.59 -6.39 -26.37
CA ASP B 71 -34.18 -7.76 -26.05
C ASP B 71 -32.69 -7.87 -25.76
N TYR B 72 -31.86 -7.24 -26.58
CA TYR B 72 -30.41 -7.28 -26.37
C TYR B 72 -29.86 -5.94 -25.90
N THR B 73 -30.61 -5.24 -25.06
CA THR B 73 -30.14 -3.97 -24.53
C THR B 73 -28.90 -4.19 -23.68
N VAL B 74 -29.03 -5.06 -22.68
CA VAL B 74 -27.91 -5.41 -21.82
C VAL B 74 -26.69 -5.77 -22.66
N GLU B 75 -26.94 -6.25 -23.87
CA GLU B 75 -25.88 -6.60 -24.81
C GLU B 75 -25.35 -5.35 -25.51
N LEU B 76 -26.27 -4.49 -25.96
CA LEU B 76 -25.89 -3.26 -26.66
C LEU B 76 -25.11 -2.31 -25.75
N MET B 77 -25.52 -2.23 -24.49
CA MET B 77 -24.87 -1.36 -23.53
C MET B 77 -23.36 -1.63 -23.45
N THR B 78 -22.97 -2.87 -23.73
CA THR B 78 -21.56 -3.26 -23.62
C THR B 78 -20.90 -3.46 -24.97
N ASP B 79 -21.46 -2.85 -26.01
CA ASP B 79 -20.86 -2.92 -27.35
C ASP B 79 -19.98 -1.72 -27.62
N SER B 80 -19.01 -1.89 -28.51
CA SER B 80 -18.09 -0.81 -28.86
C SER B 80 -18.85 0.42 -29.38
N PHE B 81 -19.86 0.18 -30.20
CA PHE B 81 -20.67 1.27 -30.73
C PHE B 81 -22.13 1.11 -30.33
N GLY B 82 -22.45 -0.06 -29.79
CA GLY B 82 -23.82 -0.35 -29.37
C GLY B 82 -24.33 0.57 -28.28
N ASN B 83 -23.57 0.70 -27.20
CA ASN B 83 -23.98 1.52 -26.06
C ASN B 83 -24.44 2.91 -26.48
N TYR B 84 -23.73 3.52 -27.42
CA TYR B 84 -24.05 4.86 -27.87
C TYR B 84 -25.54 5.02 -28.19
N LEU B 85 -26.15 3.96 -28.71
CA LEU B 85 -27.56 4.01 -29.09
C LEU B 85 -28.48 3.84 -27.89
N ILE B 86 -28.11 2.95 -26.98
CA ILE B 86 -28.83 2.79 -25.73
C ILE B 86 -29.00 4.14 -25.05
N GLN B 87 -27.96 4.96 -25.13
CA GLN B 87 -27.97 6.29 -24.53
C GLN B 87 -28.96 7.23 -25.22
N LYS B 88 -28.91 7.26 -26.55
CA LYS B 88 -29.79 8.14 -27.30
C LYS B 88 -31.24 7.71 -27.16
N LEU B 89 -31.46 6.40 -27.01
CA LEU B 89 -32.80 5.87 -26.82
C LEU B 89 -33.36 6.29 -25.47
N LEU B 90 -32.56 6.15 -24.42
CA LEU B 90 -32.97 6.51 -23.07
C LEU B 90 -33.56 7.91 -22.98
N GLU B 91 -33.17 8.78 -23.91
CA GLU B 91 -33.69 10.14 -23.96
C GLU B 91 -35.07 10.19 -24.59
N GLU B 92 -35.10 10.10 -25.91
CA GLU B 92 -36.34 10.24 -26.68
C GLU B 92 -37.43 9.26 -26.24
N VAL B 93 -37.06 8.30 -25.39
CA VAL B 93 -37.98 7.29 -24.91
C VAL B 93 -38.81 7.78 -23.72
N THR B 94 -40.07 7.34 -23.66
CA THR B 94 -40.96 7.73 -22.57
C THR B 94 -40.50 7.12 -21.25
N THR B 95 -40.98 7.68 -20.15
CA THR B 95 -40.63 7.19 -18.82
C THR B 95 -40.99 5.72 -18.65
N GLU B 96 -42.25 5.40 -18.88
CA GLU B 96 -42.74 4.03 -18.74
C GLU B 96 -41.84 3.04 -19.48
N GLN B 97 -41.30 3.47 -20.61
CA GLN B 97 -40.41 2.63 -21.41
C GLN B 97 -39.02 2.54 -20.79
N ARG B 98 -38.60 3.58 -20.11
CA ARG B 98 -37.33 3.55 -19.40
C ARG B 98 -37.41 2.60 -18.21
N ILE B 99 -38.54 2.63 -17.51
CA ILE B 99 -38.72 1.81 -16.32
C ILE B 99 -38.52 0.33 -16.64
N VAL B 100 -38.90 -0.08 -17.85
CA VAL B 100 -38.68 -1.46 -18.27
C VAL B 100 -37.28 -1.64 -18.85
N LEU B 101 -36.82 -0.65 -19.60
CA LEU B 101 -35.46 -0.65 -20.13
C LEU B 101 -34.45 -0.79 -18.99
N THR B 102 -34.85 -0.34 -17.81
CA THR B 102 -34.02 -0.42 -16.61
C THR B 102 -34.10 -1.79 -15.96
N LYS B 103 -35.32 -2.33 -15.90
CA LYS B 103 -35.55 -3.63 -15.29
C LYS B 103 -34.94 -4.75 -16.12
N ILE B 104 -34.71 -4.47 -17.40
CA ILE B 104 -34.02 -5.42 -18.27
C ILE B 104 -32.54 -5.45 -17.95
N SER B 105 -31.99 -4.30 -17.58
CA SER B 105 -30.56 -4.17 -17.32
C SER B 105 -30.24 -4.25 -15.83
N SER B 106 -31.24 -3.96 -15.00
CA SER B 106 -31.07 -3.94 -13.54
C SER B 106 -30.23 -5.10 -12.99
N PRO B 107 -30.60 -6.35 -13.30
CA PRO B 107 -29.92 -7.47 -12.68
C PRO B 107 -28.52 -7.72 -13.25
N HIS B 108 -28.07 -6.85 -14.14
CA HIS B 108 -26.77 -7.01 -14.78
C HIS B 108 -25.85 -5.82 -14.57
N PHE B 109 -26.39 -4.74 -14.01
CA PHE B 109 -25.64 -3.50 -13.86
C PHE B 109 -24.16 -3.72 -13.58
N VAL B 110 -23.86 -4.66 -12.70
CA VAL B 110 -22.47 -4.93 -12.31
C VAL B 110 -21.58 -5.25 -13.52
N GLU B 111 -21.88 -6.34 -14.22
CA GLU B 111 -21.09 -6.72 -15.39
C GLU B 111 -21.13 -5.63 -16.47
N ILE B 112 -22.16 -4.78 -16.41
CA ILE B 112 -22.28 -3.68 -17.36
C ILE B 112 -21.44 -2.48 -16.92
N SER B 113 -21.30 -2.31 -15.61
CA SER B 113 -20.50 -1.21 -15.06
C SER B 113 -19.01 -1.49 -15.13
N LEU B 114 -18.65 -2.74 -14.91
CA LEU B 114 -17.25 -3.16 -14.99
C LEU B 114 -16.74 -3.06 -16.42
N ASN B 115 -17.67 -2.92 -17.36
CA ASN B 115 -17.32 -2.85 -18.78
C ASN B 115 -17.12 -1.42 -19.26
N PRO B 116 -15.99 -1.17 -19.95
CA PRO B 116 -15.61 0.15 -20.45
C PRO B 116 -16.67 0.82 -21.33
N HIS B 117 -17.70 0.08 -21.73
CA HIS B 117 -18.75 0.64 -22.57
C HIS B 117 -20.09 0.66 -21.85
N GLY B 118 -20.33 -0.36 -21.04
CA GLY B 118 -21.56 -0.46 -20.28
C GLY B 118 -21.64 0.57 -19.18
N THR B 119 -20.47 1.01 -18.71
CA THR B 119 -20.41 2.04 -17.69
C THR B 119 -21.00 3.34 -18.22
N ARG B 120 -20.60 3.73 -19.43
CA ARG B 120 -21.09 4.95 -20.05
C ARG B 120 -22.60 4.91 -20.30
N ALA B 121 -23.06 3.81 -20.89
CA ALA B 121 -24.49 3.64 -21.14
C ALA B 121 -25.27 3.73 -19.84
N LEU B 122 -24.75 3.07 -18.81
CA LEU B 122 -25.41 3.04 -17.51
C LEU B 122 -25.49 4.43 -16.86
N GLN B 123 -24.42 5.20 -16.98
CA GLN B 123 -24.39 6.56 -16.45
C GLN B 123 -25.50 7.40 -17.08
N LYS B 124 -25.54 7.41 -18.41
CA LYS B 124 -26.55 8.15 -19.15
C LYS B 124 -27.95 7.81 -18.67
N LEU B 125 -28.10 6.62 -18.10
CA LEU B 125 -29.38 6.19 -17.53
C LEU B 125 -29.62 6.89 -16.19
N ILE B 126 -28.54 7.13 -15.46
CA ILE B 126 -28.61 7.78 -14.15
C ILE B 126 -28.76 9.30 -14.32
N GLU B 127 -28.65 9.76 -15.56
CA GLU B 127 -28.80 11.17 -15.87
C GLU B 127 -30.20 11.45 -16.39
N CYS B 128 -30.82 10.44 -16.97
CA CYS B 128 -32.19 10.56 -17.48
C CYS B 128 -33.20 10.24 -16.39
N ILE B 129 -32.88 9.22 -15.59
CA ILE B 129 -33.74 8.78 -14.50
C ILE B 129 -34.39 9.94 -13.74
N LYS B 130 -35.72 9.99 -13.76
CA LYS B 130 -36.47 11.08 -13.13
C LYS B 130 -37.25 10.60 -11.90
N THR B 131 -38.24 9.74 -12.13
CA THR B 131 -39.09 9.23 -11.06
C THR B 131 -38.26 8.61 -9.95
N ASP B 132 -38.77 8.69 -8.72
CA ASP B 132 -38.10 8.05 -7.59
C ASP B 132 -38.31 6.54 -7.62
N GLU B 133 -39.06 6.08 -8.62
CA GLU B 133 -39.27 4.65 -8.83
C GLU B 133 -38.06 4.03 -9.52
N GLU B 134 -37.55 4.72 -10.54
CA GLU B 134 -36.33 4.30 -11.22
C GLU B 134 -35.17 4.32 -10.23
N ALA B 135 -35.08 5.40 -9.46
CA ALA B 135 -34.01 5.55 -8.48
C ALA B 135 -33.90 4.34 -7.59
N GLN B 136 -35.05 3.75 -7.26
CA GLN B 136 -35.08 2.60 -6.37
C GLN B 136 -34.70 1.29 -7.04
N ILE B 137 -34.84 1.23 -8.36
CA ILE B 137 -34.37 0.07 -9.12
C ILE B 137 -32.84 0.11 -9.18
N VAL B 138 -32.31 1.26 -9.58
CA VAL B 138 -30.87 1.44 -9.71
C VAL B 138 -30.15 1.26 -8.38
N VAL B 139 -30.72 1.79 -7.30
CA VAL B 139 -30.10 1.65 -5.99
C VAL B 139 -30.13 0.20 -5.50
N ASP B 140 -31.31 -0.42 -5.53
CA ASP B 140 -31.47 -1.79 -5.04
C ASP B 140 -30.46 -2.73 -5.67
N SER B 141 -30.19 -2.54 -6.95
CA SER B 141 -29.27 -3.41 -7.69
C SER B 141 -27.81 -3.15 -7.36
N LEU B 142 -27.45 -1.88 -7.19
CA LEU B 142 -26.06 -1.51 -6.91
C LEU B 142 -25.68 -1.66 -5.44
N ARG B 143 -26.67 -1.78 -4.56
CA ARG B 143 -26.41 -1.83 -3.11
C ARG B 143 -25.36 -2.87 -2.71
N PRO B 144 -25.58 -4.15 -3.07
CA PRO B 144 -24.69 -5.19 -2.57
C PRO B 144 -23.36 -5.26 -3.32
N TYR B 145 -23.18 -4.41 -4.32
CA TYR B 145 -21.97 -4.44 -5.14
C TYR B 145 -21.22 -3.11 -5.11
N THR B 146 -21.66 -2.18 -4.26
CA THR B 146 -21.15 -0.81 -4.25
C THR B 146 -19.63 -0.72 -4.10
N VAL B 147 -19.10 -1.34 -3.07
CA VAL B 147 -17.66 -1.33 -2.85
C VAL B 147 -16.92 -1.84 -4.09
N GLN B 148 -17.37 -2.98 -4.62
CA GLN B 148 -16.77 -3.54 -5.83
C GLN B 148 -16.71 -2.55 -6.98
N LEU B 149 -17.84 -1.91 -7.27
CA LEU B 149 -17.93 -0.97 -8.37
C LEU B 149 -16.97 0.19 -8.16
N SER B 150 -16.85 0.65 -6.92
CA SER B 150 -16.00 1.78 -6.59
C SER B 150 -14.51 1.43 -6.68
N LYS B 151 -14.19 0.15 -6.58
CA LYS B 151 -12.81 -0.32 -6.67
C LYS B 151 -12.42 -0.65 -8.10
N ASP B 152 -13.36 -0.46 -9.03
CA ASP B 152 -13.11 -0.83 -10.42
C ASP B 152 -12.75 0.36 -11.29
N LEU B 153 -12.01 0.09 -12.35
CA LEU B 153 -11.57 1.13 -13.29
C LEU B 153 -12.74 2.00 -13.76
N ASN B 154 -13.66 1.41 -14.51
CA ASN B 154 -14.79 2.15 -15.05
C ASN B 154 -16.10 1.85 -14.33
N GLY B 155 -16.05 0.92 -13.37
CA GLY B 155 -17.23 0.54 -12.62
C GLY B 155 -17.54 1.53 -11.52
N ASN B 156 -16.61 2.43 -11.25
CA ASN B 156 -16.79 3.41 -10.18
C ASN B 156 -17.43 4.70 -10.67
N HIS B 157 -17.19 5.04 -11.94
CA HIS B 157 -17.77 6.25 -12.51
C HIS B 157 -19.28 6.12 -12.57
N VAL B 158 -19.76 4.89 -12.45
CA VAL B 158 -21.18 4.64 -12.28
C VAL B 158 -21.60 5.04 -10.87
N ILE B 159 -20.93 4.44 -9.87
CA ILE B 159 -21.17 4.79 -8.48
C ILE B 159 -20.91 6.27 -8.26
N GLN B 160 -20.14 6.86 -9.18
CA GLN B 160 -19.79 8.28 -9.09
C GLN B 160 -20.88 9.13 -9.70
N LYS B 161 -21.48 8.63 -10.78
CA LYS B 161 -22.57 9.34 -11.44
C LYS B 161 -23.81 9.35 -10.56
N CYS B 162 -23.87 8.41 -9.62
CA CYS B 162 -25.02 8.32 -8.71
C CYS B 162 -25.04 9.45 -7.70
N LEU B 163 -23.89 9.69 -7.07
CA LEU B 163 -23.75 10.80 -6.13
C LEU B 163 -24.11 12.10 -6.85
N GLN B 164 -23.61 12.21 -8.08
CA GLN B 164 -23.76 13.41 -8.90
C GLN B 164 -25.21 13.78 -9.23
N ARG B 165 -26.06 12.78 -9.50
CA ARG B 165 -27.41 13.03 -9.99
C ARG B 165 -28.53 12.34 -9.21
N LEU B 166 -28.50 12.43 -7.88
CA LEU B 166 -29.50 11.73 -7.07
C LEU B 166 -29.87 12.51 -5.80
N LYS B 167 -31.01 12.16 -5.22
CA LYS B 167 -31.37 12.68 -3.91
C LYS B 167 -30.33 12.21 -2.91
N PRO B 168 -30.00 13.06 -1.93
CA PRO B 168 -29.10 12.63 -0.86
C PRO B 168 -29.67 11.44 -0.11
N GLU B 169 -30.97 11.22 -0.23
CA GLU B 169 -31.62 10.08 0.39
C GLU B 169 -31.61 8.89 -0.57
N ASN B 170 -31.40 9.18 -1.85
CA ASN B 170 -31.32 8.14 -2.87
C ASN B 170 -29.95 7.46 -2.92
N PHE B 171 -28.88 8.23 -2.89
CA PHE B 171 -27.53 7.66 -2.92
C PHE B 171 -26.96 7.34 -1.54
N GLN B 172 -27.83 7.29 -0.53
CA GLN B 172 -27.40 6.95 0.83
C GLN B 172 -26.60 5.66 0.88
N PHE B 173 -26.96 4.70 0.03
CA PHE B 173 -26.31 3.39 0.03
C PHE B 173 -24.81 3.49 -0.21
N ILE B 174 -24.41 4.41 -1.08
CA ILE B 174 -22.99 4.60 -1.36
C ILE B 174 -22.25 5.05 -0.10
N PHE B 175 -22.89 5.87 0.72
CA PHE B 175 -22.33 6.24 2.02
C PHE B 175 -22.42 5.09 3.01
N ASP B 176 -23.51 4.33 2.95
CA ASP B 176 -23.72 3.19 3.84
C ASP B 176 -22.67 2.12 3.62
N ALA B 177 -22.13 2.05 2.40
CA ALA B 177 -21.14 1.04 2.06
C ALA B 177 -19.73 1.56 2.26
N ILE B 178 -19.40 2.64 1.54
CA ILE B 178 -18.09 3.26 1.61
C ILE B 178 -17.61 3.46 3.04
N SER B 179 -18.55 3.77 3.95
CA SER B 179 -18.20 4.00 5.34
C SER B 179 -17.71 2.73 6.05
N ASP B 180 -18.33 1.60 5.72
CA ASP B 180 -17.98 0.33 6.34
C ASP B 180 -16.78 -0.35 5.67
N SER B 181 -16.38 0.18 4.51
CA SER B 181 -15.14 -0.25 3.87
C SER B 181 -14.20 0.95 3.77
N CYS B 182 -14.40 1.90 4.67
CA CYS B 182 -13.75 3.20 4.62
C CYS B 182 -12.30 3.18 4.15
N ILE B 183 -11.42 2.58 4.94
CA ILE B 183 -9.99 2.56 4.63
C ILE B 183 -9.70 1.81 3.34
N ASP B 184 -10.51 0.78 3.06
CA ASP B 184 -10.35 0.00 1.85
C ASP B 184 -10.65 0.86 0.62
N ILE B 185 -11.69 1.67 0.73
CA ILE B 185 -12.07 2.55 -0.35
C ILE B 185 -11.09 3.72 -0.44
N ALA B 186 -10.71 4.24 0.71
CA ALA B 186 -9.85 5.43 0.78
C ALA B 186 -8.46 5.21 0.17
N THR B 187 -7.82 4.11 0.55
CA THR B 187 -6.45 3.82 0.12
C THR B 187 -6.43 3.07 -1.22
N HIS B 188 -7.38 3.38 -2.08
CA HIS B 188 -7.50 2.71 -3.37
C HIS B 188 -7.50 3.73 -4.50
N ARG B 189 -6.81 3.42 -5.59
CA ARG B 189 -6.65 4.35 -6.70
C ARG B 189 -7.96 4.99 -7.15
N HIS B 190 -8.99 4.18 -7.30
CA HIS B 190 -10.29 4.68 -7.74
C HIS B 190 -11.20 4.97 -6.56
N GLY B 191 -11.03 4.20 -5.49
CA GLY B 191 -11.79 4.43 -4.28
C GLY B 191 -11.65 5.85 -3.77
N CYS B 192 -10.42 6.33 -3.67
CA CYS B 192 -10.17 7.67 -3.17
C CYS B 192 -10.88 8.72 -4.03
N CYS B 193 -10.98 8.47 -5.33
CA CYS B 193 -11.68 9.37 -6.23
C CYS B 193 -13.16 9.44 -5.88
N VAL B 194 -13.79 8.28 -5.77
CA VAL B 194 -15.20 8.19 -5.42
C VAL B 194 -15.49 8.87 -4.08
N LEU B 195 -14.57 8.76 -3.13
CA LEU B 195 -14.71 9.41 -1.84
C LEU B 195 -14.73 10.92 -1.97
N GLN B 196 -13.91 11.45 -2.87
CA GLN B 196 -13.88 12.89 -3.12
C GLN B 196 -15.18 13.36 -3.75
N ARG B 197 -15.86 12.44 -4.43
CA ARG B 197 -17.15 12.76 -5.02
C ARG B 197 -18.25 12.76 -3.96
N CYS B 198 -18.07 11.96 -2.91
CA CYS B 198 -19.01 11.95 -1.80
C CYS B 198 -19.02 13.32 -1.13
N LEU B 199 -17.83 13.88 -0.95
CA LEU B 199 -17.67 15.18 -0.29
C LEU B 199 -18.28 16.31 -1.11
N ASP B 200 -18.25 16.17 -2.44
CA ASP B 200 -18.82 17.17 -3.32
C ASP B 200 -20.33 17.25 -3.21
N HIS B 201 -21.00 16.12 -3.45
CA HIS B 201 -22.46 16.11 -3.57
C HIS B 201 -23.18 15.49 -2.37
N GLY B 202 -22.49 15.37 -1.25
CA GLY B 202 -23.08 14.76 -0.08
C GLY B 202 -23.95 15.70 0.74
N THR B 203 -24.44 15.20 1.86
CA THR B 203 -25.20 16.02 2.79
C THR B 203 -24.43 16.22 4.09
N THR B 204 -24.25 17.48 4.46
CA THR B 204 -23.52 17.84 5.68
C THR B 204 -23.48 16.73 6.74
N GLU B 205 -24.62 16.08 6.98
CA GLU B 205 -24.67 15.00 7.95
C GLU B 205 -23.97 13.75 7.43
N GLN B 206 -24.15 13.48 6.14
CA GLN B 206 -23.51 12.32 5.51
C GLN B 206 -21.99 12.48 5.50
N CYS B 207 -21.51 13.57 4.91
CA CYS B 207 -20.09 13.88 4.93
C CYS B 207 -19.55 13.80 6.35
N ASP B 208 -20.11 14.63 7.23
CA ASP B 208 -19.67 14.69 8.62
C ASP B 208 -19.52 13.31 9.26
N ASN B 209 -20.40 12.39 8.90
CA ASN B 209 -20.30 11.03 9.42
C ASN B 209 -19.24 10.19 8.70
N LEU B 210 -18.99 10.53 7.44
CA LEU B 210 -17.94 9.87 6.67
C LEU B 210 -16.58 10.29 7.21
N CYS B 211 -16.44 11.60 7.43
CA CYS B 211 -15.19 12.18 7.90
C CYS B 211 -14.91 11.79 9.34
N ASP B 212 -15.97 11.56 10.12
CA ASP B 212 -15.81 11.05 11.46
C ASP B 212 -15.00 9.75 11.42
N LYS B 213 -15.15 9.02 10.32
CA LYS B 213 -14.47 7.75 10.12
C LYS B 213 -13.08 7.92 9.49
N LEU B 214 -13.00 8.75 8.46
CA LEU B 214 -11.72 9.07 7.84
C LEU B 214 -10.76 9.66 8.87
N LEU B 215 -11.23 10.65 9.61
CA LEU B 215 -10.42 11.29 10.64
C LEU B 215 -9.77 10.26 11.56
N ALA B 216 -10.51 9.21 11.90
CA ALA B 216 -9.99 8.15 12.75
C ALA B 216 -8.86 7.39 12.04
N LEU B 217 -8.76 7.59 10.73
CA LEU B 217 -7.74 6.91 9.93
C LEU B 217 -6.80 7.91 9.27
N VAL B 218 -6.61 9.06 9.89
CA VAL B 218 -5.77 10.11 9.32
C VAL B 218 -4.29 9.76 9.52
N ASP B 219 -4.03 8.78 10.38
CA ASP B 219 -2.69 8.24 10.52
C ASP B 219 -2.32 7.55 9.21
N LYS B 220 -3.00 6.44 8.95
CA LYS B 220 -2.74 5.61 7.77
C LYS B 220 -2.92 6.37 6.46
N LEU B 221 -3.97 7.20 6.40
CA LEU B 221 -4.35 7.84 5.15
C LEU B 221 -3.35 8.90 4.69
N THR B 222 -2.76 9.61 5.66
CA THR B 222 -1.85 10.70 5.34
C THR B 222 -0.68 10.23 4.49
N LEU B 223 -0.11 9.09 4.87
CA LEU B 223 1.11 8.58 4.27
C LEU B 223 0.83 7.69 3.06
N ASP B 224 -0.44 7.35 2.87
CA ASP B 224 -0.86 6.48 1.78
C ASP B 224 -0.75 7.17 0.41
N PRO B 225 -0.43 6.40 -0.63
CA PRO B 225 -0.29 6.91 -2.01
C PRO B 225 -1.59 7.50 -2.54
N PHE B 226 -2.71 7.16 -1.90
CA PHE B 226 -4.02 7.68 -2.30
C PHE B 226 -4.74 8.31 -1.12
N GLY B 227 -4.52 7.75 0.05
CA GLY B 227 -5.14 8.25 1.27
C GLY B 227 -4.80 9.70 1.54
N ASN B 228 -3.60 10.11 1.12
CA ASN B 228 -3.19 11.49 1.32
C ASN B 228 -4.02 12.43 0.47
N TYR B 229 -4.27 12.05 -0.78
CA TYR B 229 -5.11 12.85 -1.66
C TYR B 229 -6.50 13.04 -1.08
N VAL B 230 -6.95 12.07 -0.29
CA VAL B 230 -8.24 12.15 0.38
C VAL B 230 -8.22 13.22 1.47
N VAL B 231 -7.24 13.11 2.37
CA VAL B 231 -7.09 14.07 3.47
C VAL B 231 -7.02 15.50 2.95
N GLN B 232 -6.22 15.71 1.90
CA GLN B 232 -6.09 17.03 1.30
C GLN B 232 -7.42 17.55 0.78
N TYR B 233 -8.35 16.64 0.51
CA TYR B 233 -9.64 17.06 -0.03
C TYR B 233 -10.59 17.53 1.08
N ILE B 234 -10.77 16.69 2.10
CA ILE B 234 -11.51 17.10 3.30
C ILE B 234 -11.16 18.53 3.64
N ILE B 235 -9.86 18.84 3.62
CA ILE B 235 -9.37 20.18 3.94
C ILE B 235 -9.78 21.21 2.90
N THR B 236 -9.67 20.86 1.62
CA THR B 236 -10.07 21.76 0.53
C THR B 236 -11.56 22.09 0.56
N LYS B 237 -12.39 21.06 0.57
CA LYS B 237 -13.84 21.24 0.58
C LYS B 237 -14.30 22.12 1.74
N GLU B 238 -13.47 22.23 2.76
CA GLU B 238 -13.79 23.11 3.89
C GLU B 238 -13.28 24.52 3.62
N ALA B 239 -11.99 24.64 3.32
CA ALA B 239 -11.39 25.92 2.97
C ALA B 239 -11.97 26.48 1.69
N GLU B 240 -13.02 25.81 1.20
CA GLU B 240 -13.70 26.21 -0.02
C GLU B 240 -15.09 26.74 0.34
N LYS B 241 -15.58 26.30 1.49
CA LYS B 241 -16.87 26.76 2.01
C LYS B 241 -16.63 27.67 3.20
N ASN B 242 -15.38 28.04 3.40
CA ASN B 242 -14.96 28.89 4.51
C ASN B 242 -15.53 28.46 5.86
N LYS B 243 -16.00 27.22 5.92
CA LYS B 243 -16.45 26.63 7.17
C LYS B 243 -15.51 25.46 7.52
N TYR B 244 -14.92 25.52 8.70
CA TYR B 244 -13.89 24.54 9.08
C TYR B 244 -14.31 23.67 10.26
N ASP B 245 -14.28 22.35 10.04
CA ASP B 245 -14.67 21.39 11.08
C ASP B 245 -13.55 20.37 11.26
N TYR B 246 -13.28 19.62 10.20
CA TYR B 246 -12.29 18.56 10.27
C TYR B 246 -10.89 19.03 9.89
N THR B 247 -10.81 20.18 9.23
CA THR B 247 -9.51 20.78 8.92
C THR B 247 -8.73 21.00 10.20
N HIS B 248 -9.43 21.32 11.27
CA HIS B 248 -8.78 21.52 12.57
C HIS B 248 -8.52 20.19 13.28
N LYS B 249 -9.54 19.34 13.32
CA LYS B 249 -9.41 18.01 13.91
C LYS B 249 -8.23 17.26 13.25
N ILE B 250 -8.05 17.50 11.96
CA ILE B 250 -6.92 16.96 11.21
C ILE B 250 -5.60 17.56 11.71
N VAL B 251 -5.49 18.88 11.66
CA VAL B 251 -4.28 19.57 12.07
C VAL B 251 -3.95 19.28 13.53
N HIS B 252 -4.96 18.95 14.32
CA HIS B 252 -4.72 18.58 15.72
C HIS B 252 -3.99 17.24 15.83
N LEU B 253 -4.13 16.40 14.80
CA LEU B 253 -3.54 15.07 14.83
C LEU B 253 -2.20 14.99 14.09
N LEU B 254 -2.09 15.70 12.98
CA LEU B 254 -0.88 15.67 12.17
C LEU B 254 0.23 16.57 12.70
N LYS B 255 -0.13 17.81 13.03
CA LYS B 255 0.83 18.80 13.50
C LYS B 255 1.86 18.26 14.52
N PRO B 256 1.39 17.57 15.57
CA PRO B 256 2.33 17.04 16.57
C PRO B 256 3.54 16.36 15.93
N ARG B 257 3.29 15.43 15.03
CA ARG B 257 4.35 14.80 14.28
C ARG B 257 4.37 15.32 12.85
N ALA B 258 4.83 16.56 12.71
CA ALA B 258 4.83 17.22 11.40
C ALA B 258 6.22 17.22 10.76
N ILE B 259 7.25 17.11 11.60
CA ILE B 259 8.60 16.94 11.07
C ILE B 259 8.72 15.53 10.50
N GLU B 260 7.95 14.62 11.10
CA GLU B 260 7.95 13.21 10.69
C GLU B 260 7.28 13.03 9.34
N LEU B 261 6.27 13.85 9.07
CA LEU B 261 5.48 13.73 7.85
C LEU B 261 6.10 14.46 6.66
N SER B 262 6.97 15.41 6.95
CA SER B 262 7.57 16.23 5.90
C SER B 262 8.71 15.49 5.19
N ILE B 263 9.36 14.58 5.92
CA ILE B 263 10.37 13.71 5.33
C ILE B 263 9.72 12.43 4.83
N HIS B 264 8.74 12.59 3.93
CA HIS B 264 7.93 11.47 3.48
C HIS B 264 7.24 11.83 2.16
N LYS B 265 7.47 11.01 1.13
CA LYS B 265 6.99 11.30 -0.22
C LYS B 265 5.59 11.88 -0.26
N PHE B 266 4.65 11.19 0.39
CA PHE B 266 3.25 11.59 0.35
C PHE B 266 2.89 12.55 1.47
N GLY B 267 3.24 12.18 2.70
CA GLY B 267 2.99 13.01 3.86
C GLY B 267 3.59 14.41 3.76
N SER B 268 4.46 14.62 2.77
CA SER B 268 5.05 15.93 2.56
C SER B 268 4.16 16.79 1.66
N ASN B 269 3.13 16.18 1.10
CA ASN B 269 2.18 16.91 0.28
C ASN B 269 0.94 17.32 1.08
N VAL B 270 0.70 16.60 2.16
CA VAL B 270 -0.38 16.92 3.08
C VAL B 270 0.01 18.14 3.93
N ILE B 271 1.24 18.13 4.43
CA ILE B 271 1.76 19.26 5.19
C ILE B 271 1.76 20.49 4.29
N GLU B 272 2.07 20.29 3.01
CA GLU B 272 2.04 21.39 2.06
C GLU B 272 0.62 21.89 1.84
N LYS B 273 -0.38 21.09 2.20
CA LYS B 273 -1.75 21.53 2.11
C LYS B 273 -2.11 22.39 3.31
N ILE B 274 -1.85 21.87 4.50
CA ILE B 274 -2.07 22.63 5.73
C ILE B 274 -1.33 23.96 5.66
N LEU B 275 -0.13 23.93 5.12
CA LEU B 275 0.70 25.11 5.00
C LEU B 275 0.11 26.15 4.05
N LYS B 276 -0.72 25.71 3.12
CA LYS B 276 -1.26 26.60 2.10
C LYS B 276 -2.70 27.02 2.37
N THR B 277 -3.21 26.71 3.57
CA THR B 277 -4.53 27.17 3.98
C THR B 277 -4.45 28.16 5.14
N ALA B 278 -4.64 29.43 4.83
CA ALA B 278 -4.48 30.54 5.77
C ALA B 278 -4.78 30.21 7.23
N ILE B 279 -6.02 29.82 7.50
CA ILE B 279 -6.51 29.70 8.87
C ILE B 279 -5.72 28.73 9.75
N VAL B 280 -5.05 27.76 9.13
CA VAL B 280 -4.25 26.79 9.88
C VAL B 280 -2.77 26.89 9.54
N SER B 281 -2.44 27.69 8.52
CA SER B 281 -1.05 27.89 8.11
C SER B 281 -0.15 28.25 9.28
N GLU B 282 -0.31 29.48 9.76
CA GLU B 282 0.54 30.02 10.84
C GLU B 282 0.91 29.04 11.95
N PRO B 283 -0.10 28.39 12.56
CA PRO B 283 0.19 27.48 13.68
C PRO B 283 0.98 26.23 13.26
N MET B 284 0.96 25.91 11.97
CA MET B 284 1.73 24.79 11.44
C MET B 284 3.20 25.14 11.36
N ILE B 285 3.49 26.32 10.81
CA ILE B 285 4.84 26.84 10.77
C ILE B 285 5.37 26.98 12.19
N LEU B 286 4.45 27.07 13.14
CA LEU B 286 4.82 27.27 14.53
C LEU B 286 5.22 25.96 15.21
N GLU B 287 4.77 24.84 14.65
CA GLU B 287 5.16 23.53 15.16
C GLU B 287 6.57 23.18 14.67
N ILE B 288 6.85 23.57 13.44
CA ILE B 288 8.16 23.35 12.85
C ILE B 288 9.26 24.04 13.66
N LEU B 289 8.95 25.19 14.24
CA LEU B 289 9.92 25.92 15.05
C LEU B 289 9.85 25.47 16.51
N ASN B 290 8.65 25.17 16.97
CA ASN B 290 8.45 24.73 18.35
C ASN B 290 9.13 23.40 18.64
N ASN B 291 8.63 22.34 18.02
CA ASN B 291 9.17 21.01 18.23
C ASN B 291 10.17 20.58 17.15
N GLY B 292 10.34 21.41 16.14
CA GLY B 292 11.32 21.15 15.10
C GLY B 292 12.68 21.73 15.47
N GLY B 293 12.72 23.06 15.60
CA GLY B 293 13.94 23.75 15.99
C GLY B 293 14.98 23.76 14.88
N GLU B 294 16.22 24.04 15.26
CA GLU B 294 17.35 24.02 14.33
C GLU B 294 17.57 22.60 13.83
N THR B 295 17.36 21.64 14.71
CA THR B 295 17.49 20.21 14.40
C THR B 295 16.43 19.78 13.38
N GLY B 296 15.17 20.05 13.69
CA GLY B 296 14.06 19.67 12.83
C GLY B 296 14.12 20.29 11.45
N ILE B 297 14.46 21.58 11.41
CA ILE B 297 14.61 22.28 10.14
C ILE B 297 15.85 21.77 9.39
N GLN B 298 16.86 21.39 10.16
CA GLN B 298 18.07 20.77 9.61
C GLN B 298 17.68 19.53 8.80
N SER B 299 17.06 18.59 9.48
CA SER B 299 16.53 17.37 8.86
C SER B 299 15.75 17.66 7.57
N LEU B 300 14.83 18.61 7.64
CA LEU B 300 13.94 18.88 6.51
C LEU B 300 14.66 19.29 5.22
N LEU B 301 15.63 20.18 5.32
CA LEU B 301 16.27 20.74 4.12
C LEU B 301 17.16 19.74 3.38
N ASN B 302 17.83 18.88 4.15
CA ASN B 302 18.69 17.86 3.57
C ASN B 302 17.86 16.67 3.07
N ASP B 303 16.56 16.77 3.22
CA ASP B 303 15.66 15.68 2.86
C ASP B 303 15.05 15.85 1.47
N SER B 304 14.71 14.73 0.85
CA SER B 304 14.24 14.71 -0.52
C SER B 304 12.89 15.41 -0.68
N TYR B 305 12.04 15.27 0.34
CA TYR B 305 10.69 15.83 0.29
C TYR B 305 10.54 16.98 1.29
N GLY B 306 11.27 16.91 2.39
CA GLY B 306 11.21 17.91 3.43
C GLY B 306 11.70 19.28 3.01
N ASN B 307 12.33 19.36 1.84
CA ASN B 307 12.83 20.63 1.33
C ASN B 307 11.77 21.33 0.48
N TYR B 308 10.65 20.64 0.24
CA TYR B 308 9.52 21.23 -0.44
C TYR B 308 8.54 21.76 0.60
N VAL B 309 8.54 21.11 1.76
CA VAL B 309 7.77 21.58 2.90
C VAL B 309 8.44 22.81 3.49
N LEU B 310 9.73 22.69 3.77
CA LEU B 310 10.51 23.80 4.30
C LEU B 310 10.58 24.95 3.30
N GLN B 311 10.42 24.62 2.02
CA GLN B 311 10.45 25.62 0.97
C GLN B 311 9.13 26.40 0.93
N THR B 312 8.01 25.68 1.05
CA THR B 312 6.70 26.31 1.10
C THR B 312 6.55 27.13 2.38
N ALA B 313 6.95 26.54 3.50
CA ALA B 313 6.85 27.20 4.80
C ALA B 313 7.42 28.61 4.75
N LEU B 314 8.42 28.82 3.89
CA LEU B 314 9.01 30.15 3.72
C LEU B 314 8.10 31.05 2.89
N ASP B 315 7.65 30.53 1.75
CA ASP B 315 6.83 31.31 0.82
C ASP B 315 5.59 31.90 1.49
N ILE B 316 5.01 31.15 2.43
CA ILE B 316 3.79 31.58 3.10
C ILE B 316 4.08 32.57 4.21
N SER B 317 5.01 32.22 5.11
CA SER B 317 5.38 33.11 6.20
C SER B 317 5.90 34.44 5.67
N HIS B 318 6.42 34.41 4.45
CA HIS B 318 6.87 35.63 3.78
C HIS B 318 5.70 36.58 3.50
N LYS B 319 4.55 36.00 3.14
CA LYS B 319 3.38 36.80 2.79
C LYS B 319 2.46 37.04 3.98
N GLN B 320 2.36 36.06 4.87
CA GLN B 320 1.38 36.10 5.95
C GLN B 320 1.94 36.58 7.28
N ASN B 321 3.11 36.07 7.66
CA ASN B 321 3.68 36.39 8.96
C ASN B 321 5.17 36.68 8.90
N ASP B 322 5.52 37.96 8.86
CA ASP B 322 6.90 38.39 8.73
C ASP B 322 7.77 38.00 9.92
N TYR B 323 7.14 37.78 11.07
CA TYR B 323 7.87 37.35 12.27
C TYR B 323 8.31 35.90 12.13
N LEU B 324 7.49 35.10 11.46
CA LEU B 324 7.82 33.70 11.21
C LEU B 324 8.82 33.58 10.07
N TYR B 325 8.63 34.39 9.04
CA TYR B 325 9.57 34.44 7.93
C TYR B 325 10.97 34.75 8.46
N LYS B 326 11.04 35.71 9.38
CA LYS B 326 12.30 36.07 10.02
C LYS B 326 12.87 34.88 10.79
N ARG B 327 12.15 34.42 11.81
CA ARG B 327 12.61 33.32 12.64
C ARG B 327 13.06 32.11 11.82
N LEU B 328 12.35 31.84 10.72
CA LEU B 328 12.72 30.78 9.81
C LEU B 328 14.02 31.15 9.08
N SER B 329 14.02 32.33 8.46
CA SER B 329 15.18 32.79 7.69
C SER B 329 16.48 32.77 8.49
N GLU B 330 16.39 33.03 9.80
CA GLU B 330 17.59 33.08 10.62
C GLU B 330 17.96 31.71 11.20
N ILE B 331 17.37 30.65 10.64
CA ILE B 331 17.77 29.28 10.97
C ILE B 331 18.09 28.51 9.69
N VAL B 332 17.52 28.98 8.58
CA VAL B 332 17.78 28.37 7.28
C VAL B 332 19.15 28.77 6.74
N ALA B 333 19.42 30.07 6.73
CA ALA B 333 20.68 30.60 6.21
C ALA B 333 21.93 29.98 6.84
N PRO B 334 21.96 29.84 8.17
CA PRO B 334 23.12 29.23 8.83
C PRO B 334 23.43 27.84 8.31
N LEU B 335 22.41 27.11 7.87
CA LEU B 335 22.56 25.72 7.44
C LEU B 335 23.07 25.59 5.99
N LEU B 336 22.84 26.63 5.20
CA LEU B 336 23.28 26.63 3.80
C LEU B 336 24.78 26.88 3.69
N VAL B 337 25.58 25.84 3.90
CA VAL B 337 27.03 25.96 3.87
C VAL B 337 27.69 24.79 3.15
N GLY B 338 28.47 25.11 2.11
CA GLY B 338 29.24 24.11 1.39
C GLY B 338 28.45 23.33 0.36
N PRO B 339 28.35 22.00 0.55
CA PRO B 339 27.70 21.08 -0.38
C PRO B 339 26.23 21.41 -0.63
N ILE B 340 25.47 21.64 0.44
CA ILE B 340 24.02 21.84 0.34
C ILE B 340 23.64 23.02 -0.55
N ARG B 341 24.59 23.89 -0.83
CA ARG B 341 24.34 25.09 -1.63
C ARG B 341 24.24 24.77 -3.13
N ASN B 342 24.91 23.70 -3.54
CA ASN B 342 24.99 23.34 -4.95
C ASN B 342 23.89 22.37 -5.39
N THR B 343 23.15 21.84 -4.42
CA THR B 343 22.08 20.88 -4.71
C THR B 343 20.89 21.56 -5.38
N PRO B 344 20.01 20.77 -6.01
CA PRO B 344 18.84 21.31 -6.72
C PRO B 344 17.93 22.12 -5.80
N HIS B 345 17.64 21.58 -4.62
CA HIS B 345 16.70 22.22 -3.70
C HIS B 345 17.28 23.50 -3.08
N GLY B 346 18.50 23.41 -2.58
CA GLY B 346 19.16 24.54 -1.96
C GLY B 346 19.21 25.74 -2.88
N LYS B 347 19.46 25.50 -4.16
CA LYS B 347 19.57 26.57 -5.15
C LYS B 347 18.27 27.37 -5.28
N ARG B 348 17.16 26.76 -4.87
CA ARG B 348 15.87 27.43 -4.91
C ARG B 348 15.53 28.08 -3.57
N ILE B 349 15.88 27.41 -2.49
CA ILE B 349 15.73 27.96 -1.14
C ILE B 349 16.46 29.30 -1.04
N ILE B 350 17.65 29.35 -1.65
CA ILE B 350 18.42 30.59 -1.69
C ILE B 350 17.55 31.75 -2.19
N GLY B 351 16.86 31.53 -3.30
CA GLY B 351 15.97 32.53 -3.84
C GLY B 351 14.96 32.99 -2.79
N MET B 352 14.41 32.03 -2.06
CA MET B 352 13.41 32.32 -1.05
C MET B 352 14.03 32.66 0.29
N LEU B 353 14.81 33.73 0.33
CA LEU B 353 15.41 34.17 1.59
C LEU B 353 15.27 35.67 1.86
N HIS B 354 15.06 36.45 0.80
CA HIS B 354 14.85 37.89 0.95
C HIS B 354 14.18 38.55 -0.25
N LEU B 355 12.96 39.02 -0.04
CA LEU B 355 12.23 39.77 -1.06
C LEU B 355 11.37 40.87 -0.43
N ASP B 356 11.43 40.97 0.90
CA ASP B 356 10.66 41.98 1.62
C ASP B 356 11.57 42.99 2.31
#